data_3NO4
#
_entry.id   3NO4
#
_cell.length_a   89.085
_cell.length_b   89.085
_cell.length_c   211.563
_cell.angle_alpha   90.000
_cell.angle_beta   90.000
_cell.angle_gamma   90.000
#
_symmetry.space_group_name_H-M   'P 41 21 2'
#
loop_
_entity.id
_entity.type
_entity.pdbx_description
1 polymer 'creatinine amidohydrolase'
2 non-polymer 'NICKEL (II) ION'
3 non-polymer 'UNKNOWN LIGAND'
4 non-polymer 'CHLORIDE ION'
5 non-polymer 1,2-ETHANEDIOL
6 water water
#
_entity_poly.entity_id   1
_entity_poly.type   'polypeptide(L)'
_entity_poly.pdbx_seq_one_letter_code
;(MSE)GSDKIHHHHHHENLYFQG(MSE)LLHLSTWQEVEAYLQQSKGIIFPIGSTEQHGPTGLIGTDAICAEAIAAGVGD
ATGAIVGPTINVG(MSE)ALHHTAFPGTISLRPSTLIQVVRDYVTCLAKAGFSKFYFINGHGGNIATLKAAFSETYAHLE
DLQIANAQQVQCQVANWF(MSE)CGSVYKLAKELYGDQEGSHATPSEVALTQYVYPEAIKQAPLSPEVASGHRIYSAADF
RVRYPDGR(MSE)GSNPGLATPEHGKQFYDLAVKELSNGYLEFVNAD
;
_entity_poly.pdbx_strand_id   A,B,C
#
loop_
_chem_comp.id
_chem_comp.type
_chem_comp.name
_chem_comp.formula
CL non-polymer 'CHLORIDE ION' 'Cl -1'
EDO non-polymer 1,2-ETHANEDIOL 'C2 H6 O2'
NI non-polymer 'NICKEL (II) ION' 'Ni 2'
UNL non-polymer 'UNKNOWN LIGAND' ?
#
# COMPACT_ATOMS: atom_id res chain seq x y z
N ASP A 4 -15.50 24.70 10.10
CA ASP A 4 -15.37 24.26 8.66
C ASP A 4 -15.38 22.70 8.51
N LYS A 5 -15.98 22.25 7.40
CA LYS A 5 -16.25 20.83 7.06
C LYS A 5 -14.98 19.98 6.84
N ILE A 6 -14.03 20.50 6.06
CA ILE A 6 -12.75 19.81 5.75
C ILE A 6 -11.74 20.00 6.90
N HIS A 7 -11.68 21.23 7.43
CA HIS A 7 -10.69 21.67 8.43
C HIS A 7 -11.38 22.04 9.77
N HIS A 8 -11.62 21.03 10.60
CA HIS A 8 -12.28 21.21 11.92
C HIS A 8 -11.38 20.80 13.11
N HIS A 9 -10.05 20.74 12.89
CA HIS A 9 -9.07 20.61 13.98
C HIS A 9 -8.08 21.77 13.91
N HIS A 10 -8.54 22.95 14.32
CA HIS A 10 -7.80 24.20 14.08
C HIS A 10 -6.45 24.34 14.84
N HIS A 11 -6.39 23.94 16.12
CA HIS A 11 -5.13 23.94 16.90
C HIS A 11 -4.06 23.03 16.26
N HIS A 12 -4.48 21.81 15.88
CA HIS A 12 -3.64 20.89 15.11
C HIS A 12 -3.06 21.51 13.81
N GLU A 13 -3.94 22.12 13.02
CA GLU A 13 -3.54 22.78 11.77
C GLU A 13 -2.58 23.97 11.96
N ASN A 14 -2.81 24.77 12.99
CA ASN A 14 -1.88 25.88 13.33
C ASN A 14 -0.49 25.38 13.70
N LEU A 15 -0.44 24.27 14.45
CA LEU A 15 0.83 23.69 14.91
C LEU A 15 1.55 22.90 13.81
N TYR A 16 0.79 22.08 13.04
CA TYR A 16 1.35 21.14 12.02
C TYR A 16 1.72 21.82 10.69
N PHE A 17 0.86 22.71 10.18
CA PHE A 17 1.10 23.36 8.87
C PHE A 17 1.95 24.61 9.01
N GLN A 18 3.19 24.37 9.46
CA GLN A 18 4.24 25.39 9.56
CA GLN A 18 4.23 25.39 9.50
C GLN A 18 5.53 24.76 9.02
N GLY A 19 6.44 25.63 8.59
CA GLY A 19 7.75 25.21 8.06
C GLY A 19 7.57 24.60 6.68
N MSE A 20 8.36 23.57 6.38
CA MSE A 20 8.37 22.87 5.13
C MSE A 20 8.07 21.38 5.37
O MSE A 20 8.93 20.62 5.80
CB MSE A 20 9.71 23.04 4.45
CG MSE A 20 9.68 22.65 2.97
SE MSE A 20 11.44 22.44 2.20
CE MSE A 20 10.86 21.95 0.40
N LEU A 21 6.85 20.97 5.07
CA LEU A 21 6.49 19.57 5.02
C LEU A 21 6.82 18.96 3.65
N LEU A 22 7.45 17.79 3.64
CA LEU A 22 7.69 17.05 2.43
C LEU A 22 6.42 16.88 1.63
N HIS A 23 5.33 16.51 2.31
CA HIS A 23 4.05 16.28 1.64
C HIS A 23 3.46 17.52 0.95
N LEU A 24 3.82 18.73 1.39
CA LEU A 24 3.35 19.96 0.75
C LEU A 24 4.42 20.61 -0.17
N SER A 25 5.35 19.80 -0.68
CA SER A 25 6.46 20.24 -1.53
C SER A 25 6.47 19.46 -2.84
N THR A 26 7.00 20.08 -3.89
CA THR A 26 7.23 19.42 -5.15
C THR A 26 8.61 18.78 -5.09
N TRP A 27 8.86 17.89 -6.05
CA TRP A 27 10.16 17.29 -6.18
C TRP A 27 11.22 18.36 -6.49
N GLN A 28 10.89 19.34 -7.31
CA GLN A 28 11.82 20.47 -7.58
C GLN A 28 12.19 21.27 -6.32
N GLU A 29 11.21 21.52 -5.44
CA GLU A 29 11.45 22.16 -4.11
C GLU A 29 12.36 21.30 -3.24
N VAL A 30 12.17 19.97 -3.25
CA VAL A 30 13.05 19.06 -2.50
C VAL A 30 14.50 19.06 -3.07
N GLU A 31 14.63 19.02 -4.40
CA GLU A 31 15.90 19.20 -5.08
C GLU A 31 16.57 20.53 -4.69
N ALA A 32 15.81 21.62 -4.70
CA ALA A 32 16.35 22.93 -4.27
C ALA A 32 16.81 22.89 -2.79
N TYR A 33 15.99 22.31 -1.91
CA TYR A 33 16.35 22.12 -0.49
C TYR A 33 17.65 21.36 -0.29
N LEU A 34 17.82 20.26 -1.04
CA LEU A 34 19.02 19.42 -0.97
C LEU A 34 20.34 20.11 -1.35
N GLN A 35 20.28 21.24 -2.06
CA GLN A 35 21.47 22.08 -2.26
C GLN A 35 21.96 22.72 -0.95
N GLN A 36 21.02 23.02 -0.03
CA GLN A 36 21.29 23.73 1.23
CA GLN A 36 21.30 23.73 1.23
C GLN A 36 21.47 22.78 2.42
N SER A 37 20.76 21.65 2.42
CA SER A 37 20.79 20.73 3.58
C SER A 37 20.57 19.30 3.19
N LYS A 38 21.20 18.37 3.94
CA LYS A 38 20.97 16.94 3.74
C LYS A 38 20.17 16.31 4.88
N GLY A 39 19.54 17.15 5.73
CA GLY A 39 18.78 16.68 6.87
C GLY A 39 17.28 16.58 6.61
N ILE A 40 16.66 15.62 7.28
CA ILE A 40 15.22 15.43 7.26
C ILE A 40 14.79 14.89 8.65
N ILE A 41 13.64 15.38 9.11
CA ILE A 41 13.03 14.98 10.38
C ILE A 41 11.87 14.06 10.04
N PHE A 42 11.85 12.87 10.66
CA PHE A 42 10.68 12.00 10.69
C PHE A 42 10.01 11.99 12.05
N PRO A 43 8.71 12.38 12.12
CA PRO A 43 7.99 12.10 13.37
C PRO A 43 7.62 10.62 13.37
N ILE A 44 7.87 9.94 14.49
CA ILE A 44 7.47 8.56 14.66
C ILE A 44 6.72 8.39 15.96
N GLY A 45 5.51 7.86 15.88
CA GLY A 45 4.75 7.50 17.08
C GLY A 45 4.23 6.07 17.08
N SER A 46 2.95 5.94 17.40
CA SER A 46 2.31 4.67 17.65
C SER A 46 0.81 4.86 17.68
N THR A 47 0.10 3.77 17.46
CA THR A 47 -1.36 3.72 17.53
C THR A 47 -1.65 2.68 18.61
N GLU A 48 -1.87 3.14 19.85
CA GLU A 48 -1.99 2.22 20.99
C GLU A 48 -2.81 2.84 22.10
N GLN A 49 -3.43 1.96 22.88
CA GLN A 49 -4.19 2.35 24.06
C GLN A 49 -3.39 3.33 24.96
N HIS A 50 -4.05 4.35 25.46
CA HIS A 50 -3.50 5.27 26.48
C HIS A 50 -4.49 5.45 27.65
N GLY A 51 -5.00 4.34 28.16
CA GLY A 51 -5.87 4.38 29.31
C GLY A 51 -7.27 4.84 28.96
N PRO A 52 -8.14 4.98 29.97
CA PRO A 52 -9.52 5.48 29.79
C PRO A 52 -9.67 6.86 29.13
N THR A 53 -8.73 7.76 29.37
CA THR A 53 -8.83 9.16 28.94
C THR A 53 -7.84 9.54 27.85
N GLY A 54 -6.89 8.65 27.49
CA GLY A 54 -5.87 8.97 26.52
C GLY A 54 -6.27 8.63 25.11
N LEU A 55 -5.79 9.44 24.19
CA LEU A 55 -5.98 9.20 22.77
C LEU A 55 -5.11 8.06 22.26
N ILE A 56 -5.70 7.18 21.45
CA ILE A 56 -4.95 6.06 20.83
C ILE A 56 -3.81 6.58 19.97
N GLY A 57 -3.95 7.80 19.42
CA GLY A 57 -2.89 8.43 18.62
C GLY A 57 -1.85 9.23 19.40
N THR A 58 -1.95 9.30 20.72
CA THR A 58 -1.12 10.18 21.55
C THR A 58 0.34 10.29 21.06
N ASP A 59 1.01 9.13 20.90
CA ASP A 59 2.44 9.13 20.53
C ASP A 59 2.70 9.72 19.17
N ALA A 60 1.85 9.39 18.20
CA ALA A 60 1.92 10.04 16.87
C ALA A 60 1.57 11.54 16.92
N ILE A 61 0.54 11.90 17.68
CA ILE A 61 0.08 13.30 17.82
C ILE A 61 1.22 14.17 18.39
N CYS A 62 1.84 13.65 19.44
CA CYS A 62 2.93 14.35 20.13
C CYS A 62 4.13 14.54 19.23
N ALA A 63 4.64 13.41 18.67
CA ALA A 63 5.78 13.44 17.77
C ALA A 63 5.58 14.37 16.56
N GLU A 64 4.40 14.27 15.93
CA GLU A 64 4.04 15.06 14.77
C GLU A 64 4.04 16.54 15.06
N ALA A 65 3.33 16.94 16.11
CA ALA A 65 3.24 18.34 16.50
C ALA A 65 4.63 18.95 16.83
N ILE A 66 5.40 18.21 17.64
CA ILE A 66 6.75 18.67 18.03
C ILE A 66 7.68 18.74 16.77
N ALA A 67 7.62 17.72 15.90
CA ALA A 67 8.43 17.66 14.69
C ALA A 67 8.16 18.86 13.78
N ALA A 68 6.87 19.23 13.62
CA ALA A 68 6.53 20.38 12.78
C ALA A 68 7.12 21.66 13.40
N GLY A 69 7.04 21.78 14.72
CA GLY A 69 7.63 22.90 15.44
C GLY A 69 9.14 22.99 15.24
N VAL A 70 9.81 21.83 15.29
CA VAL A 70 11.26 21.79 15.16
C VAL A 70 11.65 22.13 13.72
N GLY A 71 10.94 21.55 12.74
CA GLY A 71 11.11 21.89 11.32
C GLY A 71 11.03 23.39 11.16
N ASP A 72 9.95 23.98 11.64
CA ASP A 72 9.76 25.42 11.53
C ASP A 72 10.91 26.24 12.16
N ALA A 73 11.37 25.81 13.34
CA ALA A 73 12.44 26.53 14.06
C ALA A 73 13.82 26.36 13.42
N THR A 74 14.04 25.25 12.69
CA THR A 74 15.39 24.94 12.21
C THR A 74 15.56 25.09 10.70
N GLY A 75 14.49 25.20 9.91
CA GLY A 75 14.56 25.06 8.48
C GLY A 75 14.62 23.61 7.97
N ALA A 76 14.37 22.59 8.81
CA ALA A 76 14.41 21.20 8.36
C ALA A 76 13.11 20.79 7.65
N ILE A 77 13.26 20.05 6.56
CA ILE A 77 12.12 19.40 5.91
C ILE A 77 11.59 18.28 6.81
N VAL A 78 10.26 18.18 6.90
CA VAL A 78 9.62 17.23 7.81
C VAL A 78 8.85 16.22 6.98
N GLY A 79 9.29 14.97 7.05
CA GLY A 79 8.61 13.89 6.35
C GLY A 79 7.29 13.49 6.99
N PRO A 80 6.51 12.61 6.32
CA PRO A 80 5.21 12.18 6.83
C PRO A 80 5.36 11.33 8.07
N THR A 81 4.38 11.43 8.96
CA THR A 81 4.43 10.78 10.27
C THR A 81 4.33 9.24 10.10
N ILE A 82 5.21 8.54 10.81
CA ILE A 82 5.13 7.06 10.96
C ILE A 82 4.17 6.82 12.12
N ASN A 83 2.93 6.52 11.75
CA ASN A 83 1.79 6.43 12.66
C ASN A 83 1.67 5.14 13.44
N VAL A 84 2.22 4.04 12.90
CA VAL A 84 2.14 2.72 13.53
C VAL A 84 3.57 2.20 13.69
N GLY A 85 3.96 1.89 14.93
CA GLY A 85 5.28 1.37 15.25
C GLY A 85 5.21 0.04 16.00
N MSE A 86 6.10 -0.11 16.97
CA MSE A 86 6.26 -1.35 17.73
C MSE A 86 5.55 -1.17 19.08
O MSE A 86 6.08 -0.59 20.07
CB MSE A 86 7.75 -1.71 17.89
CG MSE A 86 7.97 -3.20 17.99
SE MSE A 86 7.15 -4.00 19.54
CE MSE A 86 7.97 -2.98 20.99
N ALA A 87 4.29 -1.68 19.08
CA ALA A 87 3.37 -1.56 20.20
C ALA A 87 2.75 -2.94 20.50
N LEU A 88 3.56 -3.99 20.43
CA LEU A 88 3.06 -5.38 20.51
C LEU A 88 2.40 -5.66 21.87
N HIS A 89 3.01 -5.10 22.93
CA HIS A 89 2.53 -5.26 24.29
C HIS A 89 1.18 -4.59 24.63
N HIS A 90 0.67 -3.71 23.74
CA HIS A 90 -0.64 -3.07 23.91
C HIS A 90 -1.78 -3.71 23.10
N THR A 91 -1.53 -4.84 22.46
CA THR A 91 -2.51 -5.45 21.53
C THR A 91 -3.71 -6.16 22.22
N ALA A 92 -3.71 -6.33 23.55
CA ALA A 92 -4.87 -6.88 24.24
C ALA A 92 -5.94 -5.82 24.50
N PHE A 93 -5.67 -4.55 24.12
CA PHE A 93 -6.67 -3.49 24.11
C PHE A 93 -7.10 -3.17 22.66
N PRO A 94 -8.42 -3.09 22.39
CA PRO A 94 -8.90 -2.84 21.02
C PRO A 94 -8.53 -1.44 20.52
N GLY A 95 -8.15 -1.39 19.25
CA GLY A 95 -7.71 -0.17 18.60
C GLY A 95 -6.22 0.02 18.52
N THR A 96 -5.46 -0.79 19.26
CA THR A 96 -4.01 -0.80 19.11
C THR A 96 -3.69 -1.41 17.73
N ILE A 97 -2.77 -0.77 17.03
CA ILE A 97 -2.17 -1.33 15.80
C ILE A 97 -0.65 -1.38 16.03
N SER A 98 -0.03 -2.52 15.70
CA SER A 98 1.43 -2.67 15.85
C SER A 98 2.02 -3.40 14.65
N LEU A 99 3.22 -2.98 14.29
CA LEU A 99 4.11 -3.80 13.45
C LEU A 99 4.91 -4.72 14.33
N ARG A 100 5.40 -5.82 13.72
CA ARG A 100 6.48 -6.58 14.32
C ARG A 100 7.74 -5.75 14.21
N PRO A 101 8.68 -5.87 15.18
CA PRO A 101 10.00 -5.29 15.03
C PRO A 101 10.61 -5.56 13.65
N SER A 102 10.55 -6.82 13.19
CA SER A 102 11.17 -7.18 11.91
C SER A 102 10.54 -6.38 10.76
N THR A 103 9.22 -6.18 10.81
CA THR A 103 8.52 -5.35 9.81
C THR A 103 8.95 -3.86 9.91
N LEU A 104 9.03 -3.31 11.10
CA LEU A 104 9.48 -1.91 11.26
C LEU A 104 10.93 -1.69 10.78
N ILE A 105 11.80 -2.66 11.02
CA ILE A 105 13.18 -2.57 10.54
C ILE A 105 13.17 -2.44 8.96
N GLN A 106 12.36 -3.25 8.30
CA GLN A 106 12.25 -3.17 6.82
C GLN A 106 11.63 -1.86 6.30
N VAL A 107 10.65 -1.34 7.02
CA VAL A 107 10.08 -0.07 6.73
C VAL A 107 11.14 1.02 6.82
N VAL A 108 11.88 1.09 7.94
CA VAL A 108 12.94 2.10 8.13
C VAL A 108 14.04 1.95 7.04
N ARG A 109 14.39 0.70 6.75
CA ARG A 109 15.38 0.41 5.71
C ARG A 109 14.95 0.96 4.36
N ASP A 110 13.68 0.71 3.99
CA ASP A 110 13.10 1.23 2.75
C ASP A 110 13.07 2.76 2.70
N TYR A 111 12.63 3.41 3.77
CA TYR A 111 12.54 4.88 3.81
C TYR A 111 13.93 5.49 3.62
N VAL A 112 14.90 5.01 4.43
CA VAL A 112 16.24 5.58 4.45
C VAL A 112 16.97 5.30 3.16
N THR A 113 16.80 4.10 2.59
CA THR A 113 17.46 3.79 1.29
C THR A 113 17.00 4.71 0.17
N CYS A 114 15.68 4.92 0.05
CA CYS A 114 15.12 5.79 -0.99
C CYS A 114 15.71 7.19 -0.85
N LEU A 115 15.65 7.76 0.35
CA LEU A 115 16.09 9.13 0.60
C LEU A 115 17.60 9.31 0.56
N ALA A 116 18.35 8.31 1.06
CA ALA A 116 19.82 8.31 0.90
C ALA A 116 20.25 8.37 -0.56
N LYS A 117 19.54 7.65 -1.46
CA LYS A 117 19.86 7.70 -2.90
CA LYS A 117 19.91 7.72 -2.87
C LYS A 117 19.67 9.11 -3.47
N ALA A 118 18.70 9.83 -2.95
CA ALA A 118 18.45 11.23 -3.35
C ALA A 118 19.48 12.21 -2.77
N GLY A 119 20.25 11.81 -1.77
CA GLY A 119 21.26 12.67 -1.16
C GLY A 119 21.03 13.09 0.29
N PHE A 120 19.92 12.65 0.89
CA PHE A 120 19.68 12.90 2.33
C PHE A 120 20.70 12.03 3.13
N SER A 121 21.30 12.62 4.14
CA SER A 121 22.25 11.89 4.97
C SER A 121 22.13 12.10 6.51
N LYS A 122 21.30 13.02 6.94
CA LYS A 122 21.05 13.23 8.36
C LYS A 122 19.58 12.99 8.61
N PHE A 123 19.26 11.82 9.19
CA PHE A 123 17.90 11.40 9.49
C PHE A 123 17.62 11.49 11.00
N TYR A 124 16.81 12.46 11.39
CA TYR A 124 16.47 12.78 12.81
C TYR A 124 15.03 12.33 13.09
N PHE A 125 14.89 11.20 13.77
CA PHE A 125 13.59 10.62 14.09
C PHE A 125 13.15 11.19 15.42
N ILE A 126 12.05 11.96 15.44
CA ILE A 126 11.52 12.51 16.68
C ILE A 126 10.43 11.57 17.08
N ASN A 127 10.68 10.88 18.19
CA ASN A 127 9.90 9.72 18.58
C ASN A 127 8.98 10.04 19.78
N GLY A 128 7.78 9.47 19.74
CA GLY A 128 6.78 9.61 20.79
C GLY A 128 6.47 8.36 21.59
N HIS A 129 7.06 7.21 21.23
CA HIS A 129 6.73 5.91 21.82
C HIS A 129 8.01 5.17 22.22
N GLY A 130 8.24 5.04 23.52
CA GLY A 130 9.36 4.29 24.11
C GLY A 130 9.60 2.91 23.51
N GLY A 131 8.52 2.21 23.17
CA GLY A 131 8.59 0.88 22.58
C GLY A 131 9.25 0.84 21.20
N ASN A 132 9.29 1.97 20.50
CA ASN A 132 10.00 2.07 19.23
C ASN A 132 11.50 2.16 19.38
N ILE A 133 12.03 2.53 20.55
CA ILE A 133 13.44 2.92 20.64
C ILE A 133 14.37 1.77 20.18
N ALA A 134 14.20 0.60 20.79
CA ALA A 134 15.06 -0.56 20.53
C ALA A 134 15.01 -1.01 19.07
N THR A 135 13.82 -1.15 18.55
CA THR A 135 13.62 -1.54 17.14
C THR A 135 14.22 -0.49 16.18
N LEU A 136 14.02 0.81 16.47
CA LEU A 136 14.62 1.89 15.66
C LEU A 136 16.14 1.81 15.64
N LYS A 137 16.76 1.64 16.81
CA LYS A 137 18.20 1.55 16.87
C LYS A 137 18.72 0.31 16.08
N ALA A 138 17.98 -0.79 16.20
CA ALA A 138 18.25 -1.98 15.41
C ALA A 138 18.14 -1.71 13.92
N ALA A 139 17.07 -1.05 13.53
CA ALA A 139 16.82 -0.65 12.14
C ALA A 139 17.93 0.21 11.57
N PHE A 140 18.46 1.13 12.36
CA PHE A 140 19.59 1.96 11.92
C PHE A 140 20.79 1.14 11.55
N SER A 141 21.19 0.23 12.47
CA SER A 141 22.28 -0.68 12.23
C SER A 141 22.06 -1.54 10.97
N GLU A 142 20.92 -2.18 10.88
CA GLU A 142 20.55 -2.93 9.65
C GLU A 142 20.66 -2.05 8.36
N THR A 143 20.15 -0.82 8.46
CA THR A 143 20.17 0.14 7.35
C THR A 143 21.61 0.51 6.95
N TYR A 144 22.50 0.82 7.90
CA TYR A 144 23.87 1.16 7.55
C TYR A 144 24.56 0.03 6.74
N ALA A 145 24.39 -1.19 7.19
CA ALA A 145 24.97 -2.36 6.52
C ALA A 145 24.34 -2.54 5.12
N HIS A 146 23.03 -2.29 5.01
CA HIS A 146 22.35 -2.36 3.69
C HIS A 146 22.86 -1.32 2.70
N LEU A 147 23.04 -0.06 3.16
CA LEU A 147 23.57 1.04 2.32
C LEU A 147 24.98 0.74 1.80
N GLU A 148 25.81 0.16 2.67
CA GLU A 148 27.15 -0.37 2.32
C GLU A 148 27.10 -1.50 1.28
N ASP A 149 26.22 -2.48 1.49
CA ASP A 149 26.02 -3.58 0.55
C ASP A 149 25.58 -3.09 -0.84
N LEU A 150 24.69 -2.10 -0.86
CA LEU A 150 24.25 -1.43 -2.07
C LEU A 150 25.29 -0.48 -2.69
N GLN A 151 26.39 -0.17 -1.97
CA GLN A 151 27.34 0.88 -2.36
C GLN A 151 26.61 2.16 -2.77
N ILE A 152 25.63 2.57 -1.98
CA ILE A 152 24.94 3.86 -2.17
C ILE A 152 26.03 4.98 -2.06
N ALA A 153 25.99 5.97 -2.95
CA ALA A 153 27.09 6.96 -3.10
C ALA A 153 27.48 7.63 -1.78
N ASN A 154 26.48 7.99 -1.00
CA ASN A 154 26.73 8.69 0.26
C ASN A 154 26.71 7.76 1.48
N ALA A 155 26.78 6.43 1.28
CA ALA A 155 26.53 5.45 2.34
C ALA A 155 27.27 5.79 3.62
N GLN A 156 28.57 6.07 3.50
CA GLN A 156 29.43 6.34 4.68
C GLN A 156 29.02 7.58 5.51
N GLN A 157 28.44 8.56 4.84
CA GLN A 157 27.95 9.77 5.45
C GLN A 157 26.57 9.61 6.13
N VAL A 158 25.80 8.57 5.84
CA VAL A 158 24.40 8.50 6.28
C VAL A 158 24.38 8.20 7.77
N GLN A 159 23.63 9.03 8.48
CA GLN A 159 23.53 8.96 9.94
C GLN A 159 22.07 9.03 10.32
N CYS A 160 21.66 8.17 11.25
CA CYS A 160 20.34 8.23 11.84
C CYS A 160 20.47 8.43 13.35
N GLN A 161 19.55 9.20 13.89
CA GLN A 161 19.42 9.39 15.36
CA GLN A 161 19.41 9.35 15.35
C GLN A 161 17.94 9.45 15.71
N VAL A 162 17.59 8.91 16.87
CA VAL A 162 16.27 9.01 17.46
C VAL A 162 16.35 9.98 18.65
N ALA A 163 15.39 10.92 18.72
CA ALA A 163 15.28 11.87 19.81
C ALA A 163 13.90 11.68 20.40
N ASN A 164 13.85 11.35 21.68
CA ASN A 164 12.61 10.99 22.34
C ASN A 164 12.13 12.21 23.11
N TRP A 165 11.02 12.83 22.68
CA TRP A 165 10.59 14.10 23.28
C TRP A 165 10.39 14.03 24.80
N PHE A 166 9.85 12.89 25.24
CA PHE A 166 9.58 12.55 26.67
C PHE A 166 10.84 12.29 27.52
N MSE A 167 12.00 12.18 26.86
CA MSE A 167 13.31 12.09 27.55
CA MSE A 167 13.30 12.08 27.55
C MSE A 167 14.07 13.40 27.55
O MSE A 167 15.18 13.44 28.05
CB MSE A 167 14.18 10.98 26.94
CB MSE A 167 14.11 10.96 26.90
CG MSE A 167 13.92 9.62 27.56
CG MSE A 167 13.41 9.59 26.99
SE MSE A 167 14.81 8.22 26.53
SE MSE A 167 13.36 8.87 28.81
CE MSE A 167 16.63 8.91 26.43
CE MSE A 167 11.66 9.35 29.56
N CYS A 168 13.51 14.47 26.98
CA CYS A 168 14.14 15.80 27.10
C CYS A 168 14.22 16.17 28.59
N GLY A 169 15.37 16.72 29.00
CA GLY A 169 15.62 17.13 30.39
C GLY A 169 14.67 18.23 30.87
N SER A 170 14.33 19.17 29.98
CA SER A 170 13.33 20.23 30.30
C SER A 170 11.93 19.63 30.51
N VAL A 171 11.56 18.62 29.71
CA VAL A 171 10.28 17.94 29.81
C VAL A 171 10.15 17.11 31.08
N TYR A 172 11.16 16.30 31.39
CA TYR A 172 11.13 15.48 32.62
C TYR A 172 11.10 16.38 33.87
N LYS A 173 11.84 17.49 33.81
CA LYS A 173 11.91 18.39 34.93
C LYS A 173 10.52 19.05 35.15
N LEU A 174 9.84 19.51 34.11
CA LEU A 174 8.48 20.06 34.27
C LEU A 174 7.46 19.01 34.74
N ALA A 175 7.49 17.80 34.18
CA ALA A 175 6.59 16.72 34.59
C ALA A 175 6.72 16.36 36.07
N LYS A 176 7.96 16.34 36.55
CA LYS A 176 8.23 16.13 37.99
C LYS A 176 7.62 17.25 38.85
N GLU A 177 7.85 18.49 38.43
CA GLU A 177 7.35 19.65 39.15
C GLU A 177 5.83 19.72 39.18
N LEU A 178 5.17 19.40 38.07
CA LEU A 178 3.71 19.42 37.99
C LEU A 178 3.04 18.19 38.57
N TYR A 179 3.56 17.00 38.29
CA TYR A 179 2.87 15.72 38.57
C TYR A 179 3.54 14.79 39.58
N GLY A 180 4.82 15.04 39.89
CA GLY A 180 5.56 14.29 40.91
C GLY A 180 5.63 12.83 40.53
N ASP A 181 5.32 11.97 41.51
CA ASP A 181 5.34 10.53 41.30
CA ASP A 181 5.31 10.52 41.36
C ASP A 181 4.04 9.98 40.68
N GLN A 182 3.08 10.86 40.32
CA GLN A 182 1.90 10.50 39.52
C GLN A 182 2.10 10.69 38.00
N GLU A 183 3.31 11.01 37.54
CA GLU A 183 3.60 11.06 36.10
C GLU A 183 3.50 9.66 35.50
N GLY A 184 4.08 8.68 36.19
CA GLY A 184 4.12 7.28 35.70
C GLY A 184 4.89 7.07 34.42
N SER A 185 4.61 5.94 33.73
CA SER A 185 5.38 5.46 32.59
C SER A 185 4.58 5.37 31.30
N HIS A 186 3.25 5.24 31.38
CA HIS A 186 2.39 5.13 30.21
C HIS A 186 1.02 5.78 30.51
N ALA A 187 0.49 6.48 29.51
CA ALA A 187 -0.70 7.33 29.64
C ALA A 187 -0.37 8.38 30.70
N THR A 188 0.75 9.06 30.51
CA THR A 188 1.29 9.98 31.49
C THR A 188 0.52 11.32 31.40
N PRO A 189 0.36 12.02 32.53
CA PRO A 189 -0.25 13.36 32.42
C PRO A 189 0.50 14.31 31.49
N SER A 190 1.83 14.19 31.38
CA SER A 190 2.57 15.08 30.44
C SER A 190 2.16 14.90 28.96
N GLU A 191 2.11 13.66 28.49
CA GLU A 191 1.78 13.40 27.10
C GLU A 191 0.29 13.65 26.83
N VAL A 192 -0.58 13.31 27.78
CA VAL A 192 -1.99 13.61 27.69
C VAL A 192 -2.18 15.14 27.67
N ALA A 193 -1.47 15.88 28.53
CA ALA A 193 -1.49 17.36 28.48
C ALA A 193 -1.20 17.89 27.07
N LEU A 194 -0.11 17.37 26.47
CA LEU A 194 0.28 17.74 25.11
C LEU A 194 -0.82 17.49 24.08
N THR A 195 -1.43 16.28 24.13
CA THR A 195 -2.57 15.99 23.21
C THR A 195 -3.77 16.92 23.43
N GLN A 196 -4.03 17.30 24.69
CA GLN A 196 -5.12 18.23 25.00
C GLN A 196 -4.87 19.63 24.40
N TYR A 197 -3.62 20.09 24.44
CA TYR A 197 -3.21 21.31 23.70
C TYR A 197 -3.37 21.19 22.17
N VAL A 198 -2.97 20.08 21.56
CA VAL A 198 -3.03 19.93 20.08
C VAL A 198 -4.49 19.74 19.64
N TYR A 199 -5.28 19.01 20.43
CA TYR A 199 -6.66 18.65 20.08
C TYR A 199 -7.60 18.94 21.26
N PRO A 200 -7.84 20.23 21.59
CA PRO A 200 -8.71 20.57 22.75
C PRO A 200 -10.12 20.05 22.58
N GLU A 201 -10.57 19.99 21.33
CA GLU A 201 -11.84 19.34 20.97
C GLU A 201 -11.95 17.85 21.33
N ALA A 202 -10.83 17.12 21.45
CA ALA A 202 -10.83 15.68 21.78
C ALA A 202 -10.48 15.36 23.23
N ILE A 203 -10.58 16.33 24.15
CA ILE A 203 -10.31 16.09 25.59
C ILE A 203 -11.35 15.05 26.07
N LYS A 204 -10.91 13.97 26.70
CA LYS A 204 -11.78 12.87 27.07
C LYS A 204 -12.15 12.95 28.57
N GLN A 205 -13.40 12.63 28.86
CA GLN A 205 -13.91 12.54 30.23
CA GLN A 205 -13.91 12.50 30.24
C GLN A 205 -14.16 11.02 30.44
N ALA A 206 -13.51 10.43 31.41
CA ALA A 206 -13.81 9.05 31.73
C ALA A 206 -13.24 8.84 33.09
N PRO A 207 -13.86 7.91 33.86
CA PRO A 207 -13.37 7.70 35.22
C PRO A 207 -12.03 7.00 35.19
N LEU A 208 -11.20 7.35 36.16
CA LEU A 208 -9.92 6.70 36.38
C LEU A 208 -10.06 6.07 37.74
N SER A 209 -9.86 4.75 37.83
CA SER A 209 -9.80 4.06 39.13
C SER A 209 -8.82 4.81 40.02
N PRO A 210 -9.17 5.01 41.31
CA PRO A 210 -8.32 5.86 42.17
C PRO A 210 -6.92 5.26 42.47
N GLU A 211 -6.83 3.92 42.50
CA GLU A 211 -5.55 3.20 42.60
C GLU A 211 -5.09 2.87 41.20
N VAL A 212 -3.80 3.02 40.93
CA VAL A 212 -3.23 2.67 39.63
C VAL A 212 -2.00 1.76 39.81
N ALA A 213 -1.96 0.68 39.03
CA ALA A 213 -0.85 -0.28 39.06
C ALA A 213 0.45 0.43 38.69
N SER A 214 1.51 0.14 39.44
CA SER A 214 2.81 0.79 39.29
C SER A 214 3.81 -0.25 38.79
N GLY A 215 5.06 0.15 38.66
CA GLY A 215 6.07 -0.73 38.13
C GLY A 215 6.17 -0.59 36.63
N HIS A 216 7.26 -1.13 36.12
CA HIS A 216 7.81 -0.83 34.82
C HIS A 216 7.96 -2.10 33.97
N ARG A 217 7.43 -3.23 34.44
CA ARG A 217 7.65 -4.53 33.80
C ARG A 217 6.68 -4.76 32.63
N ILE A 218 7.25 -5.07 31.46
CA ILE A 218 6.49 -5.22 30.21
C ILE A 218 6.95 -6.51 29.48
N TYR A 219 6.03 -7.46 29.30
CA TYR A 219 6.30 -8.74 28.63
C TYR A 219 5.26 -8.89 27.54
N SER A 220 4.49 -9.97 27.52
CA SER A 220 3.47 -10.19 26.46
C SER A 220 2.26 -9.26 26.63
N ALA A 221 1.53 -9.06 25.54
CA ALA A 221 0.29 -8.28 25.53
C ALA A 221 -0.71 -8.76 26.58
N ALA A 222 -0.87 -10.08 26.71
CA ALA A 222 -1.80 -10.73 27.65
C ALA A 222 -1.39 -10.41 29.09
N ASP A 223 -0.11 -10.61 29.39
CA ASP A 223 0.49 -10.25 30.69
C ASP A 223 0.29 -8.73 30.98
N PHE A 224 0.51 -7.91 29.97
CA PHE A 224 0.40 -6.46 30.12
C PHE A 224 -0.97 -6.04 30.66
N ARG A 225 -2.03 -6.57 30.06
CA ARG A 225 -3.39 -6.18 30.44
C ARG A 225 -3.77 -6.68 31.83
N VAL A 226 -3.29 -7.86 32.21
CA VAL A 226 -3.39 -8.34 33.60
C VAL A 226 -2.70 -7.40 34.59
N ARG A 227 -1.46 -7.00 34.28
CA ARG A 227 -0.70 -6.09 35.14
C ARG A 227 -1.28 -4.70 35.23
N TYR A 228 -1.80 -4.21 34.11
CA TYR A 228 -2.23 -2.80 33.96
C TYR A 228 -3.63 -2.82 33.35
N PRO A 229 -4.66 -3.12 34.17
CA PRO A 229 -6.01 -3.44 33.63
C PRO A 229 -6.71 -2.35 32.84
N ASP A 230 -6.51 -1.08 33.21
CA ASP A 230 -7.10 0.01 32.43
C ASP A 230 -6.13 0.55 31.37
N GLY A 231 -4.91 0.05 31.38
CA GLY A 231 -3.88 0.38 30.39
C GLY A 231 -2.85 1.39 30.83
N ARG A 232 -3.10 2.08 31.94
CA ARG A 232 -2.15 3.02 32.52
C ARG A 232 -1.04 2.28 33.25
N MSE A 233 0.17 2.83 33.21
CA MSE A 233 1.27 2.43 34.09
C MSE A 233 1.65 3.61 35.00
O MSE A 233 2.31 4.54 34.57
CB MSE A 233 2.47 1.99 33.27
CG MSE A 233 2.23 0.78 32.34
SE MSE A 233 3.79 0.55 31.17
CE MSE A 233 4.96 -0.19 32.56
N GLY A 234 1.17 3.56 36.24
CA GLY A 234 1.64 4.43 37.31
C GLY A 234 1.14 5.87 37.29
N SER A 235 0.23 6.17 36.38
CA SER A 235 0.00 7.52 35.93
C SER A 235 -1.36 8.02 36.37
N ASN A 236 -1.42 9.33 36.61
CA ASN A 236 -2.67 10.04 36.81
C ASN A 236 -2.84 11.06 35.69
N PRO A 237 -3.29 10.61 34.51
CA PRO A 237 -3.51 11.57 33.41
C PRO A 237 -4.60 12.60 33.64
N GLY A 238 -5.45 12.40 34.65
CA GLY A 238 -6.39 13.40 35.07
C GLY A 238 -5.78 14.70 35.59
N LEU A 239 -4.48 14.71 35.93
CA LEU A 239 -3.81 15.97 36.29
C LEU A 239 -3.50 16.84 35.05
N ALA A 240 -3.60 16.29 33.82
CA ALA A 240 -3.27 17.04 32.62
C ALA A 240 -4.21 18.24 32.40
N THR A 241 -3.65 19.34 31.90
CA THR A 241 -4.43 20.46 31.34
C THR A 241 -3.85 20.86 29.97
N PRO A 242 -4.68 21.46 29.09
CA PRO A 242 -4.08 21.98 27.82
C PRO A 242 -3.04 23.11 28.03
N GLU A 243 -3.13 23.83 29.15
CA GLU A 243 -2.16 24.89 29.51
C GLU A 243 -0.80 24.27 29.79
N HIS A 244 -0.75 23.21 30.60
CA HIS A 244 0.49 22.39 30.78
C HIS A 244 0.98 21.85 29.44
N GLY A 245 0.05 21.41 28.60
CA GLY A 245 0.36 20.92 27.25
C GLY A 245 1.17 21.85 26.38
N LYS A 246 0.77 23.13 26.33
CA LYS A 246 1.50 24.17 25.63
C LYS A 246 2.95 24.29 26.14
N GLN A 247 3.13 24.24 27.48
CA GLN A 247 4.44 24.30 28.11
C GLN A 247 5.31 23.13 27.65
N PHE A 248 4.76 21.91 27.68
CA PHE A 248 5.51 20.74 27.20
C PHE A 248 5.87 20.86 25.73
N TYR A 249 4.90 21.28 24.90
CA TYR A 249 5.14 21.57 23.47
C TYR A 249 6.33 22.55 23.28
N ASP A 250 6.32 23.65 24.00
CA ASP A 250 7.34 24.71 23.83
C ASP A 250 8.77 24.26 24.28
N LEU A 251 8.82 23.53 25.40
CA LEU A 251 10.07 22.97 25.91
C LEU A 251 10.63 21.90 24.97
N ALA A 252 9.79 20.97 24.52
CA ALA A 252 10.20 19.93 23.60
C ALA A 252 10.74 20.50 22.28
N VAL A 253 10.06 21.52 21.74
CA VAL A 253 10.46 22.14 20.46
C VAL A 253 11.80 22.86 20.64
N LYS A 254 11.99 23.54 21.76
CA LYS A 254 13.24 24.26 21.99
C LYS A 254 14.42 23.32 22.14
N GLU A 255 14.25 22.29 22.96
CA GLU A 255 15.31 21.36 23.23
C GLU A 255 15.65 20.50 21.99
N LEU A 256 14.65 20.01 21.26
CA LEU A 256 14.88 19.22 20.04
C LEU A 256 15.31 20.02 18.78
N SER A 257 15.03 21.34 18.74
CA SER A 257 15.58 22.23 17.74
C SER A 257 17.10 22.32 17.94
N ASN A 258 17.55 22.52 19.19
CA ASN A 258 18.97 22.50 19.50
CA ASN A 258 18.98 22.49 19.50
C ASN A 258 19.58 21.13 19.14
N GLY A 259 18.90 20.06 19.52
CA GLY A 259 19.39 18.71 19.21
C GLY A 259 19.51 18.39 17.71
N TYR A 260 18.53 18.83 16.93
CA TYR A 260 18.58 18.68 15.48
C TYR A 260 19.75 19.48 14.89
N LEU A 261 19.90 20.73 15.32
CA LEU A 261 20.95 21.59 14.78
C LEU A 261 22.35 21.01 15.13
N GLU A 262 22.52 20.53 16.36
CA GLU A 262 23.78 19.87 16.76
C GLU A 262 24.06 18.63 15.91
N PHE A 263 23.03 17.82 15.68
CA PHE A 263 23.10 16.64 14.78
C PHE A 263 23.47 17.01 13.35
N VAL A 264 22.68 17.88 12.70
CA VAL A 264 22.89 18.22 11.30
CA VAL A 264 22.92 18.23 11.29
C VAL A 264 24.25 18.93 11.06
N ASN A 265 24.70 19.70 12.05
CA ASN A 265 25.96 20.43 11.93
C ASN A 265 27.19 19.60 12.31
N ALA A 266 27.01 18.48 13.00
CA ALA A 266 28.12 17.59 13.36
C ALA A 266 28.73 16.88 12.12
N ASP A 267 29.99 16.48 12.23
CA ASP A 267 30.67 15.76 11.16
C ASP A 267 30.09 14.35 10.96
N HIS B 12 -27.85 29.58 7.53
CA HIS B 12 -26.83 28.99 8.44
C HIS B 12 -26.94 27.45 8.48
N GLU B 13 -25.86 26.79 8.91
CA GLU B 13 -25.85 25.32 9.03
C GLU B 13 -24.99 24.81 10.19
N ASN B 14 -25.30 23.59 10.65
CA ASN B 14 -24.57 22.89 11.69
C ASN B 14 -23.74 21.82 10.99
N LEU B 15 -22.68 21.35 11.66
CA LEU B 15 -21.80 20.33 11.15
C LEU B 15 -21.81 19.21 12.17
N TYR B 16 -22.29 18.02 11.78
CA TYR B 16 -22.30 16.84 12.67
C TYR B 16 -21.54 15.74 11.97
N PHE B 17 -20.59 15.13 12.65
CA PHE B 17 -19.72 14.10 12.07
C PHE B 17 -20.18 12.76 12.63
N GLN B 18 -20.47 11.79 11.75
CA GLN B 18 -20.97 10.50 12.17
C GLN B 18 -19.90 9.64 12.83
N GLY B 19 -18.70 9.57 12.25
CA GLY B 19 -17.67 8.60 12.68
C GLY B 19 -16.62 9.26 13.57
N MSE B 20 -15.47 8.64 13.66
CA MSE B 20 -14.38 9.13 14.53
C MSE B 20 -13.06 8.68 13.98
O MSE B 20 -12.98 7.66 13.29
CB MSE B 20 -14.60 8.62 15.96
CG MSE B 20 -14.94 7.14 16.03
SE MSE B 20 -15.15 6.36 17.82
CE MSE B 20 -16.83 5.55 17.40
N LEU B 21 -12.03 9.47 14.25
CA LEU B 21 -10.65 9.07 13.96
C LEU B 21 -10.24 8.15 15.07
N LEU B 22 -9.65 7.03 14.68
CA LEU B 22 -9.08 6.11 15.66
C LEU B 22 -8.09 6.84 16.58
N HIS B 23 -7.26 7.69 15.99
CA HIS B 23 -6.28 8.49 16.75
C HIS B 23 -6.84 9.43 17.77
N LEU B 24 -8.09 9.88 17.57
CA LEU B 24 -8.78 10.77 18.54
C LEU B 24 -9.78 10.05 19.44
N SER B 25 -9.66 8.71 19.51
CA SER B 25 -10.55 7.85 20.30
C SER B 25 -9.76 7.12 21.41
N THR B 26 -10.47 6.69 22.45
CA THR B 26 -9.86 5.88 23.53
C THR B 26 -10.11 4.41 23.24
N TRP B 27 -9.35 3.54 23.88
CA TRP B 27 -9.60 2.10 23.76
C TRP B 27 -11.03 1.69 24.18
N GLN B 28 -11.59 2.38 25.17
CA GLN B 28 -12.96 2.15 25.63
C GLN B 28 -14.00 2.61 24.59
N GLU B 29 -13.71 3.70 23.86
CA GLU B 29 -14.61 4.13 22.72
C GLU B 29 -14.55 3.12 21.59
N VAL B 30 -13.36 2.57 21.33
CA VAL B 30 -13.24 1.52 20.29
C VAL B 30 -14.03 0.26 20.67
N GLU B 31 -13.92 -0.16 21.93
CA GLU B 31 -14.70 -1.29 22.42
C GLU B 31 -16.21 -1.09 22.25
N ALA B 32 -16.70 0.09 22.65
CA ALA B 32 -18.13 0.45 22.45
C ALA B 32 -18.50 0.39 20.96
N TYR B 33 -17.67 0.99 20.12
CA TYR B 33 -17.89 0.94 18.68
C TYR B 33 -18.01 -0.50 18.12
N LEU B 34 -17.10 -1.39 18.51
CA LEU B 34 -17.14 -2.79 18.06
C LEU B 34 -18.43 -3.56 18.44
N GLN B 35 -19.15 -3.06 19.46
CA GLN B 35 -20.49 -3.59 19.80
CA GLN B 35 -20.47 -3.61 19.80
C GLN B 35 -21.52 -3.31 18.71
N GLN B 36 -21.34 -2.22 17.92
CA GLN B 36 -22.30 -1.90 16.85
CA GLN B 36 -22.26 -1.76 16.83
C GLN B 36 -21.78 -2.08 15.42
N SER B 37 -20.45 -2.17 15.22
CA SER B 37 -19.86 -2.27 13.88
C SER B 37 -18.50 -2.94 13.93
N LYS B 38 -18.16 -3.67 12.88
CA LYS B 38 -16.87 -4.31 12.74
C LYS B 38 -16.05 -3.67 11.58
N GLY B 39 -16.47 -2.50 11.08
CA GLY B 39 -15.81 -1.84 9.97
C GLY B 39 -14.76 -0.81 10.38
N ILE B 40 -13.71 -0.66 9.58
CA ILE B 40 -12.71 0.37 9.77
C ILE B 40 -12.21 0.77 8.41
N ILE B 41 -11.93 2.06 8.26
CA ILE B 41 -11.41 2.59 7.02
C ILE B 41 -9.95 2.97 7.26
N PHE B 42 -9.09 2.60 6.31
CA PHE B 42 -7.73 3.11 6.21
C PHE B 42 -7.55 3.93 4.96
N PRO B 43 -7.17 5.22 5.12
CA PRO B 43 -6.66 5.94 3.97
C PRO B 43 -5.25 5.43 3.68
N ILE B 44 -4.96 5.15 2.42
CA ILE B 44 -3.61 4.72 2.00
C ILE B 44 -3.21 5.55 0.76
N GLY B 45 -2.04 6.15 0.81
CA GLY B 45 -1.56 6.99 -0.30
C GLY B 45 -0.13 6.66 -0.64
N SER B 46 0.65 7.71 -0.84
CA SER B 46 2.01 7.59 -1.31
C SER B 46 2.68 8.94 -1.13
N THR B 47 4.00 8.88 -1.06
CA THR B 47 4.89 10.04 -0.98
C THR B 47 5.75 9.92 -2.22
N GLU B 48 5.35 10.61 -3.28
CA GLU B 48 6.02 10.53 -4.57
C GLU B 48 5.88 11.82 -5.33
N GLN B 49 6.86 12.07 -6.19
CA GLN B 49 6.81 13.19 -7.09
C GLN B 49 5.46 13.23 -7.85
N HIS B 50 4.93 14.44 -8.04
CA HIS B 50 3.74 14.69 -8.86
C HIS B 50 4.01 15.87 -9.80
N GLY B 51 5.14 15.80 -10.50
CA GLY B 51 5.45 16.82 -11.51
C GLY B 51 5.88 18.17 -10.94
N PRO B 52 6.08 19.18 -11.82
CA PRO B 52 6.56 20.48 -11.38
C PRO B 52 5.64 21.20 -10.41
N THR B 53 4.32 20.96 -10.49
CA THR B 53 3.33 21.69 -9.67
C THR B 53 2.61 20.82 -8.62
N GLY B 54 2.90 19.52 -8.56
CA GLY B 54 2.15 18.61 -7.69
C GLY B 54 2.82 18.39 -6.36
N LEU B 55 2.00 18.23 -5.32
CA LEU B 55 2.47 17.94 -3.98
C LEU B 55 2.97 16.48 -3.93
N ILE B 56 4.09 16.27 -3.28
CA ILE B 56 4.65 14.94 -3.03
C ILE B 56 3.67 14.08 -2.25
N GLY B 57 2.91 14.71 -1.35
CA GLY B 57 1.85 14.04 -0.61
C GLY B 57 0.49 13.83 -1.27
N THR B 58 0.33 14.25 -2.52
CA THR B 58 -0.96 14.22 -3.22
C THR B 58 -1.85 13.01 -2.92
N ASP B 59 -1.31 11.82 -3.11
CA ASP B 59 -2.10 10.59 -2.99
C ASP B 59 -2.54 10.34 -1.54
N ALA B 60 -1.65 10.62 -0.59
CA ALA B 60 -2.01 10.54 0.83
C ALA B 60 -3.02 11.62 1.25
N ILE B 61 -2.88 12.82 0.70
CA ILE B 61 -3.76 13.96 1.01
C ILE B 61 -5.19 13.64 0.51
N CYS B 62 -5.29 13.23 -0.75
CA CYS B 62 -6.56 12.85 -1.39
C CYS B 62 -7.23 11.68 -0.62
N ALA B 63 -6.51 10.59 -0.38
CA ALA B 63 -7.02 9.46 0.43
C ALA B 63 -7.51 9.86 1.84
N GLU B 64 -6.67 10.59 2.55
CA GLU B 64 -6.96 11.01 3.93
C GLU B 64 -8.20 11.93 3.99
N ALA B 65 -8.29 12.92 3.10
CA ALA B 65 -9.43 13.87 3.08
C ALA B 65 -10.71 13.14 2.72
N ILE B 66 -10.66 12.30 1.69
CA ILE B 66 -11.84 11.52 1.26
C ILE B 66 -12.27 10.56 2.37
N ALA B 67 -11.32 9.84 2.95
CA ALA B 67 -11.59 8.92 4.04
C ALA B 67 -12.22 9.61 5.25
N ALA B 68 -11.75 10.82 5.59
CA ALA B 68 -12.36 11.63 6.65
C ALA B 68 -13.80 11.97 6.30
N GLY B 69 -14.04 12.41 5.06
CA GLY B 69 -15.39 12.71 4.61
C GLY B 69 -16.32 11.51 4.70
N VAL B 70 -15.83 10.33 4.32
CA VAL B 70 -16.64 9.10 4.35
C VAL B 70 -16.98 8.73 5.79
N GLY B 71 -15.99 8.71 6.66
CA GLY B 71 -16.19 8.57 8.11
C GLY B 71 -17.24 9.53 8.66
N ASP B 72 -17.09 10.81 8.33
CA ASP B 72 -18.02 11.85 8.73
C ASP B 72 -19.49 11.62 8.26
N ALA B 73 -19.69 10.94 7.12
CA ALA B 73 -21.03 10.70 6.56
C ALA B 73 -21.61 9.33 6.96
N THR B 74 -20.75 8.37 7.34
CA THR B 74 -21.18 6.97 7.50
C THR B 74 -21.15 6.40 8.92
N GLY B 75 -20.34 6.96 9.82
CA GLY B 75 -20.13 6.36 11.18
C GLY B 75 -18.88 5.52 11.32
N ALA B 76 -18.13 5.29 10.25
CA ALA B 76 -16.89 4.54 10.34
C ALA B 76 -15.85 5.13 11.30
N ILE B 77 -15.14 4.23 11.98
CA ILE B 77 -13.86 4.58 12.55
CA ILE B 77 -13.82 4.53 12.54
C ILE B 77 -12.84 4.62 11.39
N VAL B 78 -12.08 5.70 11.30
CA VAL B 78 -11.08 5.89 10.28
C VAL B 78 -9.69 5.78 10.98
N GLY B 79 -8.89 4.84 10.51
CA GLY B 79 -7.54 4.68 10.99
C GLY B 79 -6.56 5.69 10.46
N PRO B 80 -5.33 5.68 11.02
CA PRO B 80 -4.30 6.61 10.59
C PRO B 80 -3.84 6.36 9.17
N THR B 81 -3.48 7.43 8.47
CA THR B 81 -3.10 7.36 7.05
C THR B 81 -1.81 6.55 6.87
N ILE B 82 -1.82 5.61 5.91
CA ILE B 82 -0.62 4.91 5.46
C ILE B 82 -0.05 5.85 4.38
N ASN B 83 0.98 6.58 4.79
CA ASN B 83 1.56 7.68 4.03
C ASN B 83 2.59 7.29 2.99
N VAL B 84 3.23 6.15 3.18
CA VAL B 84 4.22 5.65 2.24
C VAL B 84 3.73 4.31 1.79
N GLY B 85 3.75 4.10 0.48
CA GLY B 85 3.25 2.90 -0.17
C GLY B 85 4.25 2.36 -1.18
N MSE B 86 3.74 1.77 -2.26
CA MSE B 86 4.57 1.14 -3.28
C MSE B 86 4.70 2.15 -4.42
O MSE B 86 3.84 2.21 -5.25
CB MSE B 86 3.97 -0.17 -3.71
CG MSE B 86 4.97 -1.21 -4.29
SE MSE B 86 5.96 -0.56 -5.81
CE MSE B 86 4.60 -0.15 -7.08
N ALA B 87 5.78 2.93 -4.38
CA ALA B 87 6.11 3.99 -5.35
C ALA B 87 7.55 3.78 -5.92
N LEU B 88 7.98 2.53 -6.12
CA LEU B 88 9.34 2.22 -6.57
C LEU B 88 9.74 2.92 -7.89
N HIS B 89 8.79 3.04 -8.81
CA HIS B 89 9.07 3.63 -10.13
C HIS B 89 9.26 5.17 -10.09
N HIS B 90 8.94 5.82 -8.95
CA HIS B 90 9.14 7.25 -8.74
C HIS B 90 10.45 7.64 -8.00
N THR B 91 11.31 6.67 -7.69
CA THR B 91 12.46 6.93 -6.82
C THR B 91 13.63 7.68 -7.48
N ALA B 92 13.63 7.90 -8.80
CA ALA B 92 14.66 8.73 -9.47
C ALA B 92 14.38 10.26 -9.29
N PHE B 93 13.24 10.63 -8.71
CA PHE B 93 12.92 12.03 -8.37
C PHE B 93 13.07 12.21 -6.84
N PRO B 94 13.80 13.25 -6.41
CA PRO B 94 14.06 13.39 -4.98
C PRO B 94 12.79 13.71 -4.19
N GLY B 95 12.70 13.14 -2.99
CA GLY B 95 11.56 13.29 -2.12
C GLY B 95 10.59 12.10 -2.16
N THR B 96 10.71 11.23 -3.17
CA THR B 96 9.92 10.00 -3.22
C THR B 96 10.40 9.10 -2.06
N ILE B 97 9.45 8.49 -1.35
CA ILE B 97 9.72 7.40 -0.41
C ILE B 97 8.86 6.24 -0.81
N SER B 98 9.46 5.04 -0.86
CA SER B 98 8.71 3.84 -1.22
C SER B 98 9.10 2.69 -0.31
N LEU B 99 8.11 1.91 0.08
CA LEU B 99 8.32 0.54 0.52
C LEU B 99 8.47 -0.42 -0.68
N ARG B 100 9.18 -1.52 -0.45
CA ARG B 100 9.09 -2.66 -1.35
C ARG B 100 7.67 -3.24 -1.25
N PRO B 101 7.16 -3.87 -2.31
CA PRO B 101 5.90 -4.65 -2.21
C PRO B 101 5.89 -5.65 -1.06
N SER B 102 7.02 -6.33 -0.83
CA SER B 102 7.13 -7.33 0.20
C SER B 102 7.03 -6.72 1.61
N THR B 103 7.61 -5.55 1.78
CA THR B 103 7.48 -4.80 3.02
C THR B 103 6.03 -4.36 3.26
N LEU B 104 5.38 -3.82 2.23
CA LEU B 104 4.02 -3.37 2.38
C LEU B 104 3.07 -4.54 2.69
N ILE B 105 3.30 -5.71 2.09
CA ILE B 105 2.53 -6.91 2.43
C ILE B 105 2.58 -7.23 3.95
N GLN B 106 3.77 -7.20 4.52
CA GLN B 106 3.93 -7.45 5.95
C GLN B 106 3.35 -6.33 6.81
N VAL B 107 3.38 -5.08 6.35
CA VAL B 107 2.74 -3.98 7.10
C VAL B 107 1.24 -4.22 7.16
N VAL B 108 0.62 -4.51 5.99
CA VAL B 108 -0.82 -4.74 5.92
C VAL B 108 -1.20 -5.97 6.77
N ARG B 109 -0.41 -7.03 6.64
CA ARG B 109 -0.63 -8.19 7.44
C ARG B 109 -0.62 -7.85 8.95
N ASP B 110 0.34 -7.03 9.37
CA ASP B 110 0.46 -6.68 10.78
C ASP B 110 -0.75 -5.84 11.22
N TYR B 111 -1.14 -4.86 10.41
CA TYR B 111 -2.29 -3.97 10.76
C TYR B 111 -3.55 -4.83 10.92
N VAL B 112 -3.85 -5.61 9.91
CA VAL B 112 -5.09 -6.34 9.86
C VAL B 112 -5.12 -7.45 10.92
N THR B 113 -3.99 -8.11 11.19
CA THR B 113 -3.98 -9.16 12.21
C THR B 113 -4.32 -8.55 13.60
N CYS B 114 -3.70 -7.43 13.97
CA CYS B 114 -3.93 -6.81 15.29
C CYS B 114 -5.42 -6.45 15.46
N LEU B 115 -6.00 -5.83 14.43
CA LEU B 115 -7.37 -5.31 14.51
C LEU B 115 -8.41 -6.44 14.42
N ALA B 116 -8.11 -7.46 13.60
CA ALA B 116 -8.95 -8.67 13.54
C ALA B 116 -9.02 -9.40 14.88
N LYS B 117 -7.90 -9.46 15.61
CA LYS B 117 -7.92 -10.06 16.96
CA LYS B 117 -7.90 -10.06 16.95
C LYS B 117 -8.85 -9.30 17.89
N ALA B 118 -8.98 -7.99 17.70
CA ALA B 118 -9.87 -7.14 18.50
C ALA B 118 -11.34 -7.28 18.07
N GLY B 119 -11.58 -7.88 16.91
CA GLY B 119 -12.92 -8.13 16.41
C GLY B 119 -13.30 -7.33 15.18
N PHE B 120 -12.39 -6.51 14.63
CA PHE B 120 -12.66 -5.84 13.34
C PHE B 120 -12.66 -6.87 12.23
N SER B 121 -13.59 -6.74 11.30
CA SER B 121 -13.71 -7.72 10.20
C SER B 121 -13.99 -7.17 8.80
N LYS B 122 -14.21 -5.87 8.66
CA LYS B 122 -14.48 -5.23 7.38
C LYS B 122 -13.48 -4.06 7.25
N PHE B 123 -12.47 -4.24 6.40
CA PHE B 123 -11.35 -3.28 6.31
C PHE B 123 -11.47 -2.65 4.93
N TYR B 124 -11.79 -1.36 4.90
CA TYR B 124 -12.06 -0.67 3.66
C TYR B 124 -10.92 0.29 3.46
N PHE B 125 -10.09 0.01 2.44
CA PHE B 125 -8.91 0.81 2.16
C PHE B 125 -9.28 1.81 1.11
N ILE B 126 -9.27 3.09 1.50
CA ILE B 126 -9.46 4.18 0.55
C ILE B 126 -8.08 4.60 0.00
N ASN B 127 -7.84 4.30 -1.27
CA ASN B 127 -6.53 4.42 -1.88
C ASN B 127 -6.46 5.58 -2.88
N GLY B 128 -5.34 6.30 -2.80
CA GLY B 128 -5.04 7.41 -3.66
C GLY B 128 -3.95 7.18 -4.67
N HIS B 129 -3.34 5.98 -4.72
CA HIS B 129 -2.17 5.71 -5.57
C HIS B 129 -2.38 4.38 -6.31
N GLY B 130 -2.48 4.44 -7.64
CA GLY B 130 -2.66 3.24 -8.47
C GLY B 130 -1.58 2.18 -8.32
N GLY B 131 -0.34 2.61 -8.09
CA GLY B 131 0.77 1.70 -7.74
C GLY B 131 0.58 0.84 -6.50
N ASN B 132 -0.26 1.26 -5.57
CA ASN B 132 -0.57 0.42 -4.40
C ASN B 132 -1.53 -0.75 -4.72
N ILE B 133 -2.31 -0.70 -5.81
CA ILE B 133 -3.44 -1.62 -6.00
C ILE B 133 -2.97 -3.09 -6.00
N ALA B 134 -1.99 -3.42 -6.83
CA ALA B 134 -1.52 -4.79 -6.97
C ALA B 134 -0.96 -5.32 -5.64
N THR B 135 -0.06 -4.58 -5.03
CA THR B 135 0.53 -4.95 -3.74
C THR B 135 -0.55 -5.12 -2.64
N LEU B 136 -1.53 -4.23 -2.59
CA LEU B 136 -2.63 -4.29 -1.62
C LEU B 136 -3.47 -5.56 -1.77
N LYS B 137 -3.85 -5.85 -2.99
CA LYS B 137 -4.63 -7.08 -3.28
C LYS B 137 -3.83 -8.34 -2.92
N ALA B 138 -2.53 -8.29 -3.19
CA ALA B 138 -1.61 -9.37 -2.84
C ALA B 138 -1.54 -9.52 -1.30
N ALA B 139 -1.45 -8.38 -0.62
CA ALA B 139 -1.44 -8.29 0.86
C ALA B 139 -2.73 -8.87 1.48
N PHE B 140 -3.88 -8.61 0.86
CA PHE B 140 -5.16 -9.12 1.31
C PHE B 140 -5.18 -10.66 1.26
N SER B 141 -4.73 -11.24 0.17
CA SER B 141 -4.62 -12.71 0.05
C SER B 141 -3.67 -13.31 1.11
N GLU B 142 -2.50 -12.71 1.23
CA GLU B 142 -1.50 -13.16 2.21
C GLU B 142 -2.07 -13.12 3.64
N THR B 143 -2.77 -12.03 3.93
CA THR B 143 -3.36 -11.80 5.24
C THR B 143 -4.45 -12.81 5.57
N TYR B 144 -5.37 -13.08 4.63
CA TYR B 144 -6.42 -14.08 4.88
C TYR B 144 -5.82 -15.44 5.27
N ALA B 145 -4.77 -15.86 4.55
CA ALA B 145 -4.12 -17.13 4.80
C ALA B 145 -3.43 -17.13 6.16
N HIS B 146 -2.83 -15.99 6.52
CA HIS B 146 -2.21 -15.79 7.82
C HIS B 146 -3.23 -15.88 8.97
N LEU B 147 -4.39 -15.24 8.78
CA LEU B 147 -5.44 -15.27 9.78
C LEU B 147 -5.96 -16.70 10.00
N GLU B 148 -6.13 -17.42 8.92
CA GLU B 148 -6.46 -18.85 8.98
C GLU B 148 -5.36 -19.67 9.70
N ASP B 149 -4.09 -19.45 9.34
CA ASP B 149 -2.97 -20.15 9.98
C ASP B 149 -2.94 -19.99 11.51
N LEU B 150 -3.13 -18.76 11.96
CA LEU B 150 -3.22 -18.37 13.39
C LEU B 150 -4.54 -18.73 14.07
N GLN B 151 -5.55 -19.16 13.28
CA GLN B 151 -6.85 -19.55 13.78
C GLN B 151 -7.44 -18.36 14.60
N ILE B 152 -7.32 -17.14 14.04
CA ILE B 152 -7.94 -15.94 14.64
C ILE B 152 -9.46 -16.22 14.69
N ALA B 153 -10.08 -15.93 15.84
CA ALA B 153 -11.50 -16.33 16.11
C ALA B 153 -12.44 -15.90 14.97
N ASN B 154 -12.26 -14.71 14.46
CA ASN B 154 -13.16 -14.22 13.38
C ASN B 154 -12.60 -14.39 11.95
N ALA B 155 -11.57 -15.24 11.76
CA ALA B 155 -10.78 -15.26 10.51
C ALA B 155 -11.64 -15.40 9.26
N GLN B 156 -12.60 -16.30 9.32
CA GLN B 156 -13.43 -16.61 8.14
C GLN B 156 -14.32 -15.41 7.68
N GLN B 157 -14.63 -14.50 8.61
CA GLN B 157 -15.45 -13.32 8.38
C GLN B 157 -14.61 -12.12 7.94
N VAL B 158 -13.28 -12.14 8.14
CA VAL B 158 -12.46 -10.95 7.81
C VAL B 158 -12.42 -10.72 6.29
N GLN B 159 -12.75 -9.48 5.90
CA GLN B 159 -12.83 -9.08 4.51
C GLN B 159 -12.08 -7.75 4.34
N CYS B 160 -11.24 -7.68 3.30
CA CYS B 160 -10.57 -6.47 2.91
C CYS B 160 -11.03 -6.09 1.50
N GLN B 161 -11.19 -4.79 1.29
CA GLN B 161 -11.53 -4.23 -0.04
CA GLN B 161 -11.48 -4.25 -0.05
C GLN B 161 -10.71 -2.96 -0.21
N VAL B 162 -10.27 -2.70 -1.44
CA VAL B 162 -9.64 -1.48 -1.84
C VAL B 162 -10.64 -0.70 -2.72
N ALA B 163 -10.80 0.57 -2.43
CA ALA B 163 -11.63 1.50 -3.18
C ALA B 163 -10.73 2.68 -3.62
N ASN B 164 -10.64 2.90 -4.93
CA ASN B 164 -9.69 3.80 -5.55
C ASN B 164 -10.52 4.99 -5.98
N TRP B 165 -10.28 6.15 -5.35
CA TRP B 165 -11.16 7.30 -5.56
C TRP B 165 -11.17 7.77 -7.00
N PHE B 166 -10.02 7.66 -7.63
CA PHE B 166 -9.78 8.04 -9.02
C PHE B 166 -10.40 7.08 -10.04
N MSE B 167 -10.83 5.89 -9.62
CA MSE B 167 -11.61 4.95 -10.46
CA MSE B 167 -11.59 4.95 -10.47
C MSE B 167 -13.12 5.08 -10.28
O MSE B 167 -13.87 4.40 -10.97
CB MSE B 167 -11.18 3.50 -10.21
CB MSE B 167 -11.11 3.50 -10.22
CG MSE B 167 -9.88 3.19 -10.89
CG MSE B 167 -9.62 3.28 -10.49
SE MSE B 167 -9.19 1.47 -10.49
SE MSE B 167 -9.04 3.78 -12.31
CE MSE B 167 -10.77 0.35 -10.46
CE MSE B 167 -10.04 2.42 -13.32
N CYS B 168 -13.59 5.93 -9.36
CA CYS B 168 -15.05 6.18 -9.22
C CYS B 168 -15.60 6.67 -10.57
N GLY B 169 -16.73 6.11 -10.99
CA GLY B 169 -17.36 6.45 -12.27
C GLY B 169 -17.66 7.93 -12.43
N SER B 170 -18.18 8.56 -11.36
CA SER B 170 -18.49 10.00 -11.35
C SER B 170 -17.22 10.88 -11.42
N VAL B 171 -16.12 10.42 -10.80
CA VAL B 171 -14.81 11.11 -10.88
C VAL B 171 -14.22 11.04 -12.29
N TYR B 172 -14.12 9.83 -12.84
CA TYR B 172 -13.68 9.62 -14.23
C TYR B 172 -14.50 10.48 -15.21
N LYS B 173 -15.83 10.52 -15.02
CA LYS B 173 -16.71 11.26 -15.90
C LYS B 173 -16.46 12.77 -15.81
N LEU B 174 -16.36 13.29 -14.59
CA LEU B 174 -16.11 14.73 -14.42
C LEU B 174 -14.72 15.12 -14.95
N ALA B 175 -13.69 14.29 -14.70
CA ALA B 175 -12.34 14.53 -15.25
C ALA B 175 -12.34 14.60 -16.80
N LYS B 176 -13.08 13.67 -17.42
CA LYS B 176 -13.21 13.64 -18.88
CA LYS B 176 -13.27 13.62 -18.89
C LYS B 176 -13.91 14.90 -19.39
N GLU B 177 -15.02 15.30 -18.76
CA GLU B 177 -15.69 16.56 -19.12
C GLU B 177 -14.76 17.77 -19.00
N LEU B 178 -14.10 17.91 -17.85
CA LEU B 178 -13.29 19.09 -17.53
C LEU B 178 -11.95 19.14 -18.27
N TYR B 179 -11.29 17.99 -18.39
CA TYR B 179 -9.90 17.95 -18.88
C TYR B 179 -9.66 17.16 -20.17
N GLY B 180 -10.61 16.31 -20.57
CA GLY B 180 -10.51 15.56 -21.84
C GLY B 180 -9.27 14.68 -21.86
N ASP B 181 -8.57 14.69 -23.01
CA ASP B 181 -7.34 13.89 -23.17
CA ASP B 181 -7.32 13.92 -23.22
C ASP B 181 -6.12 14.43 -22.40
N GLN B 182 -6.26 15.62 -21.75
CA GLN B 182 -5.25 16.22 -20.84
C GLN B 182 -5.32 15.81 -19.34
N GLU B 183 -6.22 14.90 -18.98
CA GLU B 183 -6.19 14.28 -17.64
C GLU B 183 -4.91 13.50 -17.40
N GLY B 184 -4.58 12.66 -18.37
CA GLY B 184 -3.44 11.77 -18.28
C GLY B 184 -3.53 10.73 -17.18
N SER B 185 -2.37 10.16 -16.84
CA SER B 185 -2.23 9.03 -15.92
C SER B 185 -1.53 9.32 -14.56
N HIS B 186 -0.69 10.36 -14.49
CA HIS B 186 0.03 10.74 -13.24
C HIS B 186 0.22 12.24 -13.18
N ALA B 187 0.09 12.82 -11.98
CA ALA B 187 0.08 14.27 -11.77
C ALA B 187 -1.06 14.86 -12.59
N THR B 188 -2.25 14.30 -12.40
CA THR B 188 -3.41 14.62 -13.20
C THR B 188 -4.06 15.92 -12.67
N PRO B 189 -4.72 16.68 -13.54
CA PRO B 189 -5.42 17.88 -13.02
C PRO B 189 -6.54 17.55 -12.01
N SER B 190 -7.19 16.39 -12.12
CA SER B 190 -8.24 16.02 -11.17
C SER B 190 -7.69 15.84 -9.77
N GLU B 191 -6.60 15.07 -9.60
CA GLU B 191 -5.95 14.92 -8.28
C GLU B 191 -5.30 16.22 -7.78
N VAL B 192 -4.70 16.99 -8.68
CA VAL B 192 -4.05 18.25 -8.26
C VAL B 192 -5.17 19.20 -7.83
N ALA B 193 -6.28 19.24 -8.58
CA ALA B 193 -7.48 20.05 -8.23
C ALA B 193 -7.98 19.72 -6.81
N LEU B 194 -8.06 18.42 -6.47
CA LEU B 194 -8.47 18.01 -5.12
C LEU B 194 -7.50 18.52 -4.04
N THR B 195 -6.17 18.41 -4.26
CA THR B 195 -5.18 18.94 -3.31
C THR B 195 -5.26 20.46 -3.17
N GLN B 196 -5.60 21.19 -4.24
CA GLN B 196 -5.77 22.66 -4.18
C GLN B 196 -6.99 23.05 -3.33
N TYR B 197 -8.10 22.32 -3.48
CA TYR B 197 -9.28 22.50 -2.62
C TYR B 197 -8.96 22.25 -1.15
N VAL B 198 -8.26 21.15 -0.88
CA VAL B 198 -7.91 20.77 0.50
C VAL B 198 -6.90 21.77 1.12
N TYR B 199 -5.85 22.12 0.38
CA TYR B 199 -4.79 23.02 0.85
C TYR B 199 -4.61 24.22 -0.11
N PRO B 200 -5.55 25.18 -0.08
CA PRO B 200 -5.44 26.38 -0.97
C PRO B 200 -4.14 27.18 -0.83
N GLU B 201 -3.50 27.13 0.33
CA GLU B 201 -2.25 27.85 0.59
C GLU B 201 -0.96 27.09 0.20
N ALA B 202 -1.11 25.84 -0.28
CA ALA B 202 0.01 25.07 -0.83
C ALA B 202 -0.05 24.91 -2.36
N ILE B 203 -0.79 25.79 -3.05
CA ILE B 203 -0.97 25.72 -4.52
C ILE B 203 0.35 26.15 -5.12
N LYS B 204 0.88 25.35 -6.04
CA LYS B 204 2.21 25.56 -6.59
C LYS B 204 2.16 26.23 -7.96
N GLN B 205 3.12 27.12 -8.21
CA GLN B 205 3.34 27.69 -9.54
C GLN B 205 4.70 27.20 -9.99
N ALA B 206 4.74 26.55 -11.13
CA ALA B 206 5.98 26.27 -11.83
C ALA B 206 5.65 26.12 -13.31
N PRO B 207 6.65 26.37 -14.17
CA PRO B 207 6.49 26.10 -15.61
C PRO B 207 6.16 24.64 -15.93
N LEU B 208 5.29 24.43 -16.92
CA LEU B 208 4.95 23.11 -17.46
C LEU B 208 5.21 23.17 -18.95
N SER B 209 6.06 22.27 -19.46
CA SER B 209 6.32 22.18 -20.90
C SER B 209 5.00 21.89 -21.66
N PRO B 210 4.74 22.59 -22.81
CA PRO B 210 3.45 22.34 -23.51
C PRO B 210 3.28 20.92 -24.08
N GLU B 211 4.37 20.29 -24.52
CA GLU B 211 4.40 18.88 -24.96
CA GLU B 211 4.32 18.89 -24.96
C GLU B 211 4.58 18.06 -23.72
N VAL B 212 3.77 17.01 -23.54
CA VAL B 212 3.97 16.08 -22.40
C VAL B 212 3.97 14.64 -22.93
N ALA B 213 4.89 13.82 -22.42
CA ALA B 213 5.00 12.40 -22.81
C ALA B 213 3.73 11.66 -22.38
N SER B 214 3.18 10.90 -23.32
CA SER B 214 1.95 10.11 -23.19
CA SER B 214 1.95 10.11 -23.10
C SER B 214 2.31 8.62 -23.06
N GLY B 215 1.30 7.75 -22.97
CA GLY B 215 1.52 6.34 -22.82
C GLY B 215 1.55 6.01 -21.33
N HIS B 216 1.43 4.72 -21.05
CA HIS B 216 1.16 4.20 -19.73
C HIS B 216 2.23 3.22 -19.27
N ARG B 217 3.37 3.15 -19.98
CA ARG B 217 4.38 2.12 -19.71
C ARG B 217 5.30 2.52 -18.54
N ILE B 218 5.33 1.68 -17.51
CA ILE B 218 6.05 1.92 -16.27
C ILE B 218 6.93 0.68 -15.98
N TYR B 219 8.24 0.88 -15.89
CA TYR B 219 9.18 -0.21 -15.59
C TYR B 219 10.11 0.23 -14.44
N SER B 220 11.44 0.21 -14.62
CA SER B 220 12.34 0.70 -13.57
C SER B 220 12.21 2.22 -13.34
N ALA B 221 12.64 2.63 -12.15
CA ALA B 221 12.71 4.05 -11.76
C ALA B 221 13.53 4.94 -12.70
N ALA B 222 14.62 4.39 -13.20
CA ALA B 222 15.53 5.13 -14.08
C ALA B 222 14.92 5.24 -15.49
N ASP B 223 14.29 4.16 -15.94
CA ASP B 223 13.50 4.20 -17.18
C ASP B 223 12.34 5.23 -17.11
N PHE B 224 11.64 5.23 -15.98
CA PHE B 224 10.52 6.12 -15.75
C PHE B 224 10.94 7.59 -15.92
N ARG B 225 12.02 7.98 -15.25
CA ARG B 225 12.50 9.37 -15.42
C ARG B 225 12.91 9.71 -16.89
N VAL B 226 13.45 8.74 -17.63
CA VAL B 226 13.76 8.99 -19.07
C VAL B 226 12.47 9.19 -19.87
N ARG B 227 11.45 8.36 -19.63
CA ARG B 227 10.16 8.45 -20.37
C ARG B 227 9.36 9.70 -20.03
N TYR B 228 9.40 10.07 -18.75
CA TYR B 228 8.55 11.12 -18.18
C TYR B 228 9.44 12.12 -17.45
N PRO B 229 10.17 12.97 -18.21
CA PRO B 229 11.28 13.76 -17.59
C PRO B 229 10.95 14.70 -16.44
N ASP B 230 9.78 15.34 -16.48
CA ASP B 230 9.32 16.19 -15.38
C ASP B 230 8.44 15.47 -14.35
N GLY B 231 8.18 14.18 -14.57
CA GLY B 231 7.39 13.39 -13.67
C GLY B 231 5.95 13.18 -14.13
N ARG B 232 5.42 14.06 -14.98
CA ARG B 232 4.04 13.91 -15.48
C ARG B 232 3.92 12.72 -16.47
N MSE B 233 2.78 12.02 -16.42
CA MSE B 233 2.35 11.10 -17.50
C MSE B 233 1.09 11.64 -18.20
O MSE B 233 -0.02 11.53 -17.67
CB MSE B 233 2.08 9.70 -16.95
CG MSE B 233 3.25 9.06 -16.25
SE MSE B 233 2.79 7.35 -15.45
CE MSE B 233 2.63 6.45 -17.13
N GLY B 234 1.27 12.23 -19.38
CA GLY B 234 0.13 12.64 -20.23
C GLY B 234 -0.75 13.79 -19.77
N SER B 235 -0.36 14.46 -18.69
CA SER B 235 -1.25 15.32 -17.91
C SER B 235 -0.92 16.80 -18.10
N ASN B 236 -1.95 17.63 -17.97
CA ASN B 236 -1.81 19.08 -17.84
C ASN B 236 -2.46 19.46 -16.51
N PRO B 237 -1.71 19.31 -15.39
CA PRO B 237 -2.26 19.75 -14.09
C PRO B 237 -2.44 21.26 -13.94
N GLY B 238 -1.91 22.09 -14.85
CA GLY B 238 -2.23 23.51 -14.94
C GLY B 238 -3.71 23.81 -15.16
N LEU B 239 -4.51 22.82 -15.58
CA LEU B 239 -5.96 22.99 -15.73
C LEU B 239 -6.71 22.95 -14.39
N ALA B 240 -6.05 22.54 -13.32
CA ALA B 240 -6.67 22.34 -12.02
C ALA B 240 -7.09 23.67 -11.39
N THR B 241 -8.28 23.66 -10.78
CA THR B 241 -8.74 24.74 -9.91
C THR B 241 -9.25 24.15 -8.58
N PRO B 242 -9.14 24.93 -7.47
CA PRO B 242 -9.75 24.46 -6.22
C PRO B 242 -11.26 24.29 -6.30
N GLU B 243 -11.92 25.06 -7.15
CA GLU B 243 -13.37 24.92 -7.41
C GLU B 243 -13.69 23.54 -8.01
N HIS B 244 -12.94 23.15 -9.05
CA HIS B 244 -12.97 21.75 -9.56
C HIS B 244 -12.68 20.74 -8.46
N GLY B 245 -11.68 21.05 -7.63
CA GLY B 245 -11.33 20.23 -6.48
C GLY B 245 -12.46 19.83 -5.57
N LYS B 246 -13.27 20.82 -5.21
CA LYS B 246 -14.49 20.63 -4.40
C LYS B 246 -15.45 19.67 -5.09
N GLN B 247 -15.64 19.79 -6.39
CA GLN B 247 -16.48 18.83 -7.12
C GLN B 247 -15.95 17.39 -7.03
N PHE B 248 -14.64 17.22 -7.18
CA PHE B 248 -14.03 15.86 -7.07
C PHE B 248 -14.17 15.28 -5.68
N TYR B 249 -13.91 16.13 -4.67
CA TYR B 249 -14.09 15.77 -3.25
C TYR B 249 -15.49 15.24 -3.00
N ASP B 250 -16.48 16.02 -3.42
CA ASP B 250 -17.91 15.72 -3.16
C ASP B 250 -18.34 14.43 -3.84
N LEU B 251 -17.91 14.26 -5.11
CA LEU B 251 -18.26 13.08 -5.89
C LEU B 251 -17.67 11.85 -5.28
N ALA B 252 -16.40 11.93 -4.93
CA ALA B 252 -15.67 10.81 -4.31
C ALA B 252 -16.24 10.42 -2.96
N VAL B 253 -16.49 11.42 -2.11
CA VAL B 253 -17.04 11.15 -0.79
C VAL B 253 -18.43 10.53 -0.87
N LYS B 254 -19.31 11.04 -1.75
CA LYS B 254 -20.62 10.40 -1.94
C LYS B 254 -20.46 8.92 -2.34
N GLU B 255 -19.67 8.68 -3.37
CA GLU B 255 -19.61 7.36 -3.96
C GLU B 255 -18.97 6.39 -3.02
N LEU B 256 -17.88 6.79 -2.37
CA LEU B 256 -17.23 5.96 -1.37
C LEU B 256 -17.99 5.84 -0.04
N SER B 257 -18.86 6.80 0.29
CA SER B 257 -19.75 6.65 1.47
C SER B 257 -20.75 5.51 1.21
N ASN B 258 -21.35 5.50 0.03
CA ASN B 258 -22.23 4.39 -0.40
C ASN B 258 -21.45 3.08 -0.52
N GLY B 259 -20.22 3.15 -1.01
CA GLY B 259 -19.37 1.95 -1.12
C GLY B 259 -19.06 1.33 0.23
N TYR B 260 -18.57 2.16 1.15
CA TYR B 260 -18.33 1.73 2.54
C TYR B 260 -19.56 1.05 3.16
N LEU B 261 -20.71 1.72 3.12
CA LEU B 261 -21.93 1.20 3.73
C LEU B 261 -22.41 -0.10 3.03
N GLU B 262 -22.32 -0.18 1.69
CA GLU B 262 -22.63 -1.40 0.97
CA GLU B 262 -22.64 -1.42 0.97
C GLU B 262 -21.70 -2.55 1.45
N PHE B 263 -20.40 -2.25 1.55
CA PHE B 263 -19.41 -3.25 2.05
C PHE B 263 -19.65 -3.72 3.50
N VAL B 264 -19.80 -2.79 4.44
CA VAL B 264 -19.87 -3.12 5.86
CA VAL B 264 -19.88 -3.16 5.86
C VAL B 264 -21.17 -3.88 6.19
N ASN B 265 -22.24 -3.57 5.45
CA ASN B 265 -23.53 -4.24 5.60
C ASN B 265 -23.68 -5.49 4.75
N ALA B 266 -22.72 -5.83 3.86
CA ALA B 266 -22.79 -7.07 3.09
C ALA B 266 -22.39 -8.26 3.99
N ASP B 267 -22.80 -9.45 3.58
CA ASP B 267 -22.48 -10.67 4.34
C ASP B 267 -20.99 -11.03 4.14
N GLN C 18 9.87 -22.48 -35.59
CA GLN C 18 10.54 -21.15 -35.35
C GLN C 18 10.98 -21.01 -33.86
N GLY C 19 10.02 -21.15 -32.96
CA GLY C 19 10.25 -21.00 -31.53
C GLY C 19 10.83 -22.26 -30.90
N MSE C 20 11.43 -22.08 -29.73
CA MSE C 20 12.09 -23.15 -29.05
C MSE C 20 11.64 -23.15 -27.58
O MSE C 20 11.42 -22.08 -26.98
CB MSE C 20 13.60 -23.00 -29.25
CG MSE C 20 14.20 -21.78 -28.62
SE MSE C 20 15.85 -21.23 -29.38
CE MSE C 20 16.97 -22.57 -28.65
N LEU C 21 11.42 -24.34 -27.04
CA LEU C 21 11.28 -24.48 -25.59
C LEU C 21 12.68 -24.39 -25.01
N LEU C 22 12.87 -23.50 -24.07
CA LEU C 22 14.09 -23.44 -23.27
C LEU C 22 14.53 -24.85 -22.78
N HIS C 23 13.57 -25.64 -22.29
CA HIS C 23 13.80 -27.00 -21.80
C HIS C 23 14.32 -27.96 -22.86
N LEU C 24 13.98 -27.73 -24.15
CA LEU C 24 14.52 -28.54 -25.26
C LEU C 24 15.65 -27.84 -26.03
N SER C 25 16.33 -26.88 -25.40
CA SER C 25 17.48 -26.19 -25.96
C SER C 25 18.75 -26.48 -25.16
N THR C 26 19.91 -26.41 -25.81
CA THR C 26 21.20 -26.36 -25.09
C THR C 26 21.58 -24.92 -24.68
N TRP C 27 22.55 -24.80 -23.77
CA TRP C 27 23.04 -23.45 -23.39
C TRP C 27 23.67 -22.69 -24.56
N GLN C 28 24.37 -23.42 -25.43
CA GLN C 28 24.94 -22.86 -26.66
C GLN C 28 23.85 -22.33 -27.61
N GLU C 29 22.74 -23.04 -27.74
CA GLU C 29 21.61 -22.55 -28.50
C GLU C 29 20.99 -21.29 -27.85
N VAL C 30 20.91 -21.22 -26.54
CA VAL C 30 20.39 -20.03 -25.87
C VAL C 30 21.35 -18.85 -26.11
N GLU C 31 22.66 -19.11 -26.02
CA GLU C 31 23.66 -18.10 -26.37
C GLU C 31 23.45 -17.56 -27.81
N ALA C 32 23.28 -18.46 -28.79
CA ALA C 32 23.02 -18.05 -30.19
C ALA C 32 21.72 -17.22 -30.28
N TYR C 33 20.66 -17.67 -29.61
CA TYR C 33 19.40 -16.92 -29.52
C TYR C 33 19.56 -15.49 -29.01
N LEU C 34 20.34 -15.34 -27.95
CA LEU C 34 20.55 -14.02 -27.32
C LEU C 34 21.29 -13.00 -28.22
N GLN C 35 21.95 -13.45 -29.29
CA GLN C 35 22.55 -12.54 -30.29
CA GLN C 35 22.55 -12.53 -30.28
C GLN C 35 21.48 -11.86 -31.13
N GLN C 36 20.33 -12.53 -31.31
CA GLN C 36 19.25 -12.05 -32.16
CA GLN C 36 19.24 -12.05 -32.16
C GLN C 36 18.02 -11.48 -31.39
N SER C 37 17.82 -11.91 -30.12
CA SER C 37 16.65 -11.48 -29.33
C SER C 37 16.93 -11.49 -27.84
N LYS C 38 16.22 -10.61 -27.13
CA LYS C 38 16.32 -10.48 -25.71
C LYS C 38 15.03 -10.92 -24.99
N GLY C 39 14.07 -11.48 -25.75
CA GLY C 39 12.75 -11.80 -25.23
C GLY C 39 12.62 -13.25 -24.78
N ILE C 40 11.79 -13.47 -23.78
CA ILE C 40 11.42 -14.81 -23.30
C ILE C 40 9.97 -14.79 -22.79
N ILE C 41 9.24 -15.85 -23.10
CA ILE C 41 7.85 -16.04 -22.70
C ILE C 41 7.84 -17.04 -21.56
N PHE C 42 7.18 -16.70 -20.46
CA PHE C 42 6.85 -17.69 -19.44
C PHE C 42 5.34 -17.93 -19.40
N PRO C 43 4.92 -19.19 -19.54
CA PRO C 43 3.57 -19.53 -19.20
C PRO C 43 3.44 -19.60 -17.68
N ILE C 44 2.42 -18.94 -17.13
CA ILE C 44 2.15 -18.99 -15.68
C ILE C 44 0.66 -19.36 -15.52
N GLY C 45 0.39 -20.39 -14.72
CA GLY C 45 -0.96 -20.79 -14.42
C GLY C 45 -1.17 -20.99 -12.96
N SER C 46 -1.86 -22.08 -12.62
CA SER C 46 -2.22 -22.40 -11.24
C SER C 46 -2.64 -23.86 -11.14
N THR C 47 -2.62 -24.38 -9.92
CA THR C 47 -3.09 -25.73 -9.58
C THR C 47 -4.23 -25.54 -8.59
N GLU C 48 -5.47 -25.59 -9.10
CA GLU C 48 -6.65 -25.24 -8.29
C GLU C 48 -7.93 -25.84 -8.86
N GLN C 49 -8.88 -26.07 -7.95
CA GLN C 49 -10.20 -26.53 -8.28
C GLN C 49 -10.80 -25.69 -9.43
N HIS C 50 -11.46 -26.38 -10.37
CA HIS C 50 -12.25 -25.77 -11.42
C HIS C 50 -13.64 -26.43 -11.52
N GLY C 51 -14.29 -26.54 -10.38
CA GLY C 51 -15.63 -27.09 -10.30
C GLY C 51 -15.73 -28.59 -10.53
N PRO C 52 -16.95 -29.11 -10.67
CA PRO C 52 -17.13 -30.56 -10.83
C PRO C 52 -16.53 -31.16 -12.12
N THR C 53 -16.46 -30.38 -13.20
CA THR C 53 -16.01 -30.88 -14.50
C THR C 53 -14.66 -30.33 -14.96
N GLY C 54 -14.08 -29.37 -14.26
CA GLY C 54 -12.87 -28.72 -14.66
C GLY C 54 -11.58 -29.33 -14.13
N LEU C 55 -10.56 -29.31 -14.97
CA LEU C 55 -9.25 -29.85 -14.60
C LEU C 55 -8.57 -28.92 -13.57
N ILE C 56 -7.93 -29.52 -12.57
CA ILE C 56 -7.17 -28.76 -11.54
C ILE C 56 -6.00 -27.99 -12.18
N GLY C 57 -5.43 -28.56 -13.26
CA GLY C 57 -4.39 -27.88 -14.04
C GLY C 57 -4.83 -26.86 -15.09
N THR C 58 -6.13 -26.53 -15.15
CA THR C 58 -6.70 -25.75 -16.22
C THR C 58 -5.86 -24.52 -16.61
N ASP C 59 -5.53 -23.72 -15.62
CA ASP C 59 -4.88 -22.45 -15.88
C ASP C 59 -3.46 -22.65 -16.38
N ALA C 60 -2.76 -23.65 -15.84
CA ALA C 60 -1.44 -24.04 -16.31
C ALA C 60 -1.54 -24.57 -17.76
N ILE C 61 -2.50 -25.45 -18.01
CA ILE C 61 -2.68 -26.07 -19.33
C ILE C 61 -2.95 -25.02 -20.39
N CYS C 62 -3.87 -24.10 -20.10
CA CYS C 62 -4.19 -23.04 -21.04
C CYS C 62 -2.97 -22.17 -21.39
N ALA C 63 -2.30 -21.72 -20.35
CA ALA C 63 -1.13 -20.86 -20.45
C ALA C 63 0.01 -21.57 -21.19
N GLU C 64 0.30 -22.80 -20.81
CA GLU C 64 1.36 -23.57 -21.46
C GLU C 64 1.10 -23.76 -22.98
N ALA C 65 -0.13 -24.13 -23.34
CA ALA C 65 -0.48 -24.45 -24.73
C ALA C 65 -0.45 -23.18 -25.57
N ILE C 66 -1.08 -22.10 -25.06
CA ILE C 66 -1.07 -20.79 -25.73
C ILE C 66 0.38 -20.28 -25.93
N ALA C 67 1.22 -20.38 -24.88
CA ALA C 67 2.60 -19.90 -24.95
C ALA C 67 3.40 -20.69 -25.98
N ALA C 68 3.20 -22.01 -26.05
CA ALA C 68 3.87 -22.82 -27.09
C ALA C 68 3.53 -22.34 -28.49
N GLY C 69 2.24 -22.11 -28.75
CA GLY C 69 1.77 -21.61 -30.02
C GLY C 69 2.29 -20.22 -30.34
N VAL C 70 2.36 -19.34 -29.34
CA VAL C 70 2.94 -17.99 -29.53
C VAL C 70 4.41 -18.04 -29.88
N GLY C 71 5.15 -18.90 -29.17
CA GLY C 71 6.55 -19.18 -29.48
C GLY C 71 6.73 -19.63 -30.93
N ASP C 72 5.92 -20.61 -31.36
CA ASP C 72 5.95 -21.12 -32.75
CA ASP C 72 5.96 -21.13 -32.74
C ASP C 72 5.74 -20.02 -33.78
N ALA C 73 4.79 -19.11 -33.50
CA ALA C 73 4.44 -18.02 -34.41
C ALA C 73 5.48 -16.89 -34.45
N THR C 74 6.17 -16.64 -33.33
CA THR C 74 6.99 -15.45 -33.15
C THR C 74 8.50 -15.73 -33.17
N GLY C 75 8.93 -16.99 -33.02
CA GLY C 75 10.35 -17.33 -32.82
C GLY C 75 10.90 -17.13 -31.40
N ALA C 76 10.02 -16.84 -30.44
CA ALA C 76 10.40 -16.54 -29.07
C ALA C 76 10.87 -17.82 -28.44
N ILE C 77 11.77 -17.68 -27.47
CA ILE C 77 12.10 -18.76 -26.56
C ILE C 77 11.01 -18.81 -25.45
N VAL C 78 10.51 -20.01 -25.16
CA VAL C 78 9.45 -20.25 -24.16
C VAL C 78 10.04 -21.01 -22.99
N GLY C 79 9.96 -20.41 -21.80
CA GLY C 79 10.48 -21.00 -20.59
C GLY C 79 9.52 -22.03 -20.02
N PRO C 80 9.95 -22.75 -18.98
CA PRO C 80 9.12 -23.74 -18.34
C PRO C 80 7.91 -23.10 -17.61
N THR C 81 6.79 -23.81 -17.64
CA THR C 81 5.53 -23.38 -17.07
C THR C 81 5.61 -23.27 -15.57
N ILE C 82 5.19 -22.11 -15.03
CA ILE C 82 5.01 -21.90 -13.59
C ILE C 82 3.64 -22.48 -13.27
N ASN C 83 3.65 -23.68 -12.67
CA ASN C 83 2.44 -24.50 -12.50
C ASN C 83 1.63 -24.21 -11.26
N VAL C 84 2.27 -23.56 -10.27
CA VAL C 84 1.66 -23.21 -8.98
C VAL C 84 1.92 -21.73 -8.75
N GLY C 85 0.83 -21.02 -8.51
CA GLY C 85 0.80 -19.59 -8.35
C GLY C 85 0.02 -19.22 -7.11
N MSE C 86 -0.68 -18.11 -7.18
CA MSE C 86 -1.37 -17.53 -6.05
C MSE C 86 -2.84 -17.94 -6.14
O MSE C 86 -3.59 -17.33 -6.88
CB MSE C 86 -1.22 -16.02 -6.07
CG MSE C 86 -1.34 -15.41 -4.64
SE MSE C 86 -2.94 -15.76 -3.68
CE MSE C 86 -4.18 -14.88 -4.82
N ALA C 87 -3.19 -18.99 -5.40
CA ALA C 87 -4.51 -19.62 -5.44
C ALA C 87 -5.04 -19.87 -4.03
N LEU C 88 -4.72 -18.95 -3.10
CA LEU C 88 -5.00 -19.18 -1.67
C LEU C 88 -6.48 -19.34 -1.34
N HIS C 89 -7.32 -18.54 -2.01
CA HIS C 89 -8.78 -18.64 -1.86
C HIS C 89 -9.44 -19.97 -2.32
N HIS C 90 -8.72 -20.85 -2.99
CA HIS C 90 -9.22 -22.16 -3.45
C HIS C 90 -8.75 -23.34 -2.57
N THR C 91 -8.04 -23.06 -1.47
CA THR C 91 -7.41 -24.14 -0.65
C THR C 91 -8.42 -24.95 0.23
N ALA C 92 -9.71 -24.57 0.28
CA ALA C 92 -10.74 -25.37 0.96
C ALA C 92 -11.21 -26.53 0.09
N PHE C 93 -10.70 -26.64 -1.16
CA PHE C 93 -10.97 -27.77 -2.04
C PHE C 93 -9.72 -28.65 -2.19
N PRO C 94 -9.88 -29.97 -2.12
CA PRO C 94 -8.70 -30.84 -2.15
C PRO C 94 -8.05 -30.83 -3.53
N GLY C 95 -6.73 -30.77 -3.55
CA GLY C 95 -5.96 -30.74 -4.78
C GLY C 95 -5.42 -29.40 -5.14
N THR C 96 -5.94 -28.32 -4.54
CA THR C 96 -5.40 -26.98 -4.74
C THR C 96 -4.00 -26.94 -4.16
N ILE C 97 -3.08 -26.35 -4.91
CA ILE C 97 -1.76 -26.01 -4.40
C ILE C 97 -1.58 -24.50 -4.60
N SER C 98 -1.14 -23.80 -3.57
CA SER C 98 -0.87 -22.36 -3.70
C SER C 98 0.43 -21.96 -3.02
N LEU C 99 1.13 -21.04 -3.66
CA LEU C 99 2.11 -20.18 -2.98
C LEU C 99 1.43 -19.02 -2.24
N ARG C 100 2.10 -18.56 -1.18
CA ARG C 100 1.84 -17.22 -0.66
C ARG C 100 2.29 -16.19 -1.70
N PRO C 101 1.61 -15.03 -1.75
CA PRO C 101 2.09 -13.95 -2.60
C PRO C 101 3.57 -13.62 -2.36
N SER C 102 3.99 -13.56 -1.09
CA SER C 102 5.37 -13.26 -0.77
C SER C 102 6.36 -14.29 -1.38
N THR C 103 5.98 -15.57 -1.39
CA THR C 103 6.78 -16.62 -1.97
C THR C 103 6.86 -16.44 -3.48
N LEU C 104 5.71 -16.19 -4.14
CA LEU C 104 5.71 -16.04 -5.58
C LEU C 104 6.52 -14.80 -6.00
N ILE C 105 6.50 -13.74 -5.21
CA ILE C 105 7.35 -12.59 -5.47
C ILE C 105 8.85 -13.04 -5.54
N GLN C 106 9.30 -13.77 -4.51
CA GLN C 106 10.68 -14.19 -4.46
CA GLN C 106 10.67 -14.29 -4.39
C GLN C 106 11.01 -15.18 -5.61
N VAL C 107 10.04 -16.01 -6.02
CA VAL C 107 10.20 -16.91 -7.19
C VAL C 107 10.44 -16.12 -8.47
N VAL C 108 9.58 -15.14 -8.73
CA VAL C 108 9.72 -14.30 -9.90
C VAL C 108 11.02 -13.51 -9.86
N ARG C 109 11.35 -12.93 -8.70
CA ARG C 109 12.61 -12.20 -8.54
C ARG C 109 13.83 -13.08 -8.91
N ASP C 110 13.83 -14.31 -8.42
CA ASP C 110 14.89 -15.29 -8.73
C ASP C 110 14.95 -15.61 -10.24
N TYR C 111 13.79 -15.93 -10.84
CA TYR C 111 13.74 -16.23 -12.30
C TYR C 111 14.34 -15.10 -13.11
N VAL C 112 13.82 -13.90 -12.88
CA VAL C 112 14.17 -12.74 -13.72
C VAL C 112 15.61 -12.28 -13.49
N THR C 113 16.07 -12.30 -12.24
CA THR C 113 17.46 -11.96 -11.92
C THR C 113 18.41 -12.91 -12.64
N CYS C 114 18.17 -14.22 -12.60
CA CYS C 114 19.06 -15.17 -13.30
C CYS C 114 19.12 -14.87 -14.79
N LEU C 115 17.96 -14.69 -15.38
CA LEU C 115 17.88 -14.52 -16.84
C LEU C 115 18.33 -13.11 -17.28
N ALA C 116 18.07 -12.07 -16.48
CA ALA C 116 18.57 -10.72 -16.79
C ALA C 116 20.11 -10.67 -16.84
N LYS C 117 20.73 -11.38 -15.93
CA LYS C 117 22.19 -11.49 -15.91
C LYS C 117 22.77 -12.08 -17.19
N ALA C 118 22.04 -13.01 -17.83
CA ALA C 118 22.45 -13.62 -19.11
C ALA C 118 22.18 -12.72 -20.30
N GLY C 119 21.39 -11.66 -20.15
CA GLY C 119 21.07 -10.76 -21.29
C GLY C 119 19.60 -10.65 -21.65
N PHE C 120 18.74 -11.47 -21.05
CA PHE C 120 17.30 -11.37 -21.34
C PHE C 120 16.76 -10.07 -20.74
N SER C 121 15.93 -9.34 -21.47
CA SER C 121 15.38 -8.06 -20.98
C SER C 121 13.89 -7.77 -21.29
N LYS C 122 13.21 -8.65 -22.00
CA LYS C 122 11.79 -8.57 -22.31
C LYS C 122 11.16 -9.89 -21.82
N PHE C 123 10.49 -9.82 -20.68
CA PHE C 123 9.88 -11.01 -20.04
C PHE C 123 8.36 -10.91 -20.23
N TYR C 124 7.78 -11.80 -21.02
CA TYR C 124 6.35 -11.76 -21.37
C TYR C 124 5.70 -12.93 -20.67
N PHE C 125 4.90 -12.66 -19.65
CA PHE C 125 4.29 -13.73 -18.86
C PHE C 125 2.91 -13.97 -19.43
N ILE C 126 2.69 -15.13 -20.06
CA ILE C 126 1.36 -15.50 -20.53
C ILE C 126 0.66 -16.24 -19.38
N ASN C 127 -0.39 -15.60 -18.85
CA ASN C 127 -1.03 -15.96 -17.58
C ASN C 127 -2.38 -16.62 -17.80
N GLY C 128 -2.63 -17.69 -17.05
CA GLY C 128 -3.91 -18.35 -17.04
C GLY C 128 -4.80 -18.17 -15.84
N HIS C 129 -4.32 -17.50 -14.79
CA HIS C 129 -5.04 -17.38 -13.50
C HIS C 129 -5.13 -15.93 -13.05
N GLY C 130 -6.35 -15.40 -12.96
CA GLY C 130 -6.60 -14.02 -12.49
C GLY C 130 -6.00 -13.73 -11.10
N GLY C 131 -6.02 -14.72 -10.21
CA GLY C 131 -5.37 -14.63 -8.92
C GLY C 131 -3.88 -14.30 -8.92
N ASN C 132 -3.18 -14.57 -10.02
CA ASN C 132 -1.76 -14.24 -10.16
C ASN C 132 -1.50 -12.79 -10.47
N ILE C 133 -2.48 -12.06 -11.05
CA ILE C 133 -2.15 -10.81 -11.67
C ILE C 133 -1.57 -9.81 -10.67
N ALA C 134 -2.26 -9.62 -9.55
CA ALA C 134 -1.84 -8.59 -8.58
C ALA C 134 -0.42 -8.92 -8.04
N THR C 135 -0.20 -10.19 -7.69
CA THR C 135 1.08 -10.68 -7.18
C THR C 135 2.16 -10.58 -8.24
N LEU C 136 1.85 -10.88 -9.52
CA LEU C 136 2.86 -10.69 -10.57
C LEU C 136 3.26 -9.23 -10.74
N LYS C 137 2.30 -8.32 -10.77
CA LYS C 137 2.61 -6.88 -10.90
CA LYS C 137 2.61 -6.88 -10.90
C LYS C 137 3.45 -6.38 -9.71
N ALA C 138 3.10 -6.84 -8.51
CA ALA C 138 3.90 -6.56 -7.31
C ALA C 138 5.31 -7.12 -7.50
N ALA C 139 5.42 -8.37 -8.01
CA ALA C 139 6.69 -9.02 -8.26
C ALA C 139 7.57 -8.28 -9.26
N PHE C 140 6.96 -7.77 -10.32
CA PHE C 140 7.70 -6.95 -11.28
C PHE C 140 8.37 -5.75 -10.64
N SER C 141 7.61 -5.01 -9.84
CA SER C 141 8.12 -3.80 -9.20
C SER C 141 9.26 -4.16 -8.22
N GLU C 142 9.03 -5.21 -7.43
CA GLU C 142 10.06 -5.73 -6.50
C GLU C 142 11.34 -6.05 -7.31
N THR C 143 11.16 -6.74 -8.44
CA THR C 143 12.27 -7.17 -9.29
C THR C 143 13.04 -6.01 -9.91
N TYR C 144 12.35 -5.02 -10.45
CA TYR C 144 13.07 -3.83 -10.99
C TYR C 144 13.97 -3.17 -9.93
N ALA C 145 13.46 -2.97 -8.72
CA ALA C 145 14.26 -2.35 -7.64
C ALA C 145 15.46 -3.26 -7.28
N HIS C 146 15.24 -4.57 -7.25
CA HIS C 146 16.30 -5.53 -6.96
C HIS C 146 17.42 -5.50 -8.00
N LEU C 147 17.06 -5.45 -9.28
CA LEU C 147 18.04 -5.38 -10.37
C LEU C 147 18.86 -4.06 -10.31
N GLU C 148 18.20 -2.97 -9.96
CA GLU C 148 18.85 -1.68 -9.68
C GLU C 148 19.79 -1.82 -8.45
N ASP C 149 19.30 -2.43 -7.37
CA ASP C 149 20.16 -2.62 -6.15
C ASP C 149 21.46 -3.40 -6.46
N LEU C 150 21.31 -4.46 -7.25
CA LEU C 150 22.39 -5.31 -7.72
C LEU C 150 23.24 -4.72 -8.85
N GLN C 151 22.80 -3.60 -9.46
CA GLN C 151 23.48 -2.97 -10.60
C GLN C 151 23.73 -3.98 -11.72
N ILE C 152 22.72 -4.80 -12.00
CA ILE C 152 22.75 -5.76 -13.10
C ILE C 152 22.95 -4.95 -14.40
N ALA C 153 23.82 -5.45 -15.30
CA ALA C 153 24.31 -4.67 -16.46
C ALA C 153 23.16 -4.04 -17.27
N ASN C 154 22.13 -4.82 -17.55
CA ASN C 154 20.99 -4.35 -18.35
C ASN C 154 19.79 -3.85 -17.52
N ALA C 155 19.96 -3.63 -16.20
CA ALA C 155 18.84 -3.43 -15.27
C ALA C 155 17.79 -2.46 -15.79
N GLN C 156 18.26 -1.32 -16.26
CA GLN C 156 17.37 -0.26 -16.73
C GLN C 156 16.53 -0.67 -17.94
N GLN C 157 17.06 -1.58 -18.77
CA GLN C 157 16.32 -2.06 -19.95
C GLN C 157 15.33 -3.21 -19.63
N VAL C 158 15.40 -3.82 -18.45
CA VAL C 158 14.57 -5.02 -18.16
C VAL C 158 13.11 -4.60 -17.95
N GLN C 159 12.24 -5.29 -18.69
CA GLN C 159 10.83 -5.03 -18.70
C GLN C 159 10.10 -6.33 -18.53
N CYS C 160 9.07 -6.34 -17.68
CA CYS C 160 8.17 -7.49 -17.58
C CYS C 160 6.76 -7.03 -17.90
N GLN C 161 6.00 -7.91 -18.55
CA GLN C 161 4.58 -7.67 -18.89
CA GLN C 161 4.57 -7.67 -18.84
C GLN C 161 3.81 -8.96 -18.62
N VAL C 162 2.57 -8.83 -18.12
CA VAL C 162 1.67 -9.98 -17.96
C VAL C 162 0.60 -9.84 -19.02
N ALA C 163 0.32 -10.92 -19.75
CA ALA C 163 -0.74 -10.99 -20.75
C ALA C 163 -1.70 -12.09 -20.32
N ASN C 164 -2.95 -11.74 -20.11
CA ASN C 164 -3.95 -12.65 -19.55
C ASN C 164 -4.77 -13.12 -20.71
N TRP C 165 -4.67 -14.40 -21.07
CA TRP C 165 -5.30 -14.90 -22.33
C TRP C 165 -6.83 -14.67 -22.29
N PHE C 166 -7.40 -14.91 -21.12
CA PHE C 166 -8.82 -14.71 -20.84
C PHE C 166 -9.27 -13.24 -20.86
N MSE C 167 -8.35 -12.27 -20.93
CA MSE C 167 -8.71 -10.85 -21.14
CA MSE C 167 -8.68 -10.85 -21.11
C MSE C 167 -8.44 -10.38 -22.56
O MSE C 167 -8.69 -9.21 -22.88
CB MSE C 167 -7.97 -9.95 -20.14
CB MSE C 167 -7.86 -9.98 -20.15
CG MSE C 167 -8.56 -10.02 -18.75
CG MSE C 167 -8.05 -10.32 -18.66
SE MSE C 167 -7.47 -9.08 -17.48
SE MSE C 167 -9.88 -10.11 -17.98
CE MSE C 167 -7.11 -7.43 -18.45
CE MSE C 167 -10.17 -8.25 -18.46
N CYS C 168 -7.95 -11.25 -23.44
CA CYS C 168 -7.81 -10.88 -24.87
C CYS C 168 -9.17 -10.47 -25.42
N GLY C 169 -9.22 -9.35 -26.14
CA GLY C 169 -10.48 -8.83 -26.71
C GLY C 169 -11.26 -9.83 -27.56
N SER C 170 -10.54 -10.59 -28.39
CA SER C 170 -11.16 -11.62 -29.24
C SER C 170 -11.71 -12.81 -28.43
N VAL C 171 -10.98 -13.18 -27.38
CA VAL C 171 -11.39 -14.25 -26.47
C VAL C 171 -12.66 -13.85 -25.71
N TYR C 172 -12.65 -12.67 -25.09
CA TYR C 172 -13.83 -12.16 -24.37
C TYR C 172 -15.05 -12.10 -25.28
N LYS C 173 -14.85 -11.59 -26.49
CA LYS C 173 -15.91 -11.53 -27.49
C LYS C 173 -16.50 -12.89 -27.84
N LEU C 174 -15.65 -13.85 -28.23
CA LEU C 174 -16.15 -15.19 -28.56
C LEU C 174 -16.91 -15.84 -27.37
N ALA C 175 -16.32 -15.73 -26.16
CA ALA C 175 -16.96 -16.18 -24.89
C ALA C 175 -18.38 -15.61 -24.71
N LYS C 176 -18.51 -14.30 -24.95
CA LYS C 176 -19.78 -13.59 -24.84
C LYS C 176 -20.79 -14.04 -25.92
N GLU C 177 -20.31 -14.21 -27.15
CA GLU C 177 -21.14 -14.73 -28.25
C GLU C 177 -21.62 -16.16 -28.01
N LEU C 178 -20.74 -17.05 -27.55
CA LEU C 178 -21.09 -18.47 -27.38
C LEU C 178 -21.89 -18.74 -26.09
N TYR C 179 -21.55 -18.04 -25.01
CA TYR C 179 -22.02 -18.41 -23.65
C TYR C 179 -22.79 -17.32 -22.90
N GLY C 180 -22.73 -16.06 -23.37
CA GLY C 180 -23.39 -14.92 -22.74
C GLY C 180 -23.03 -14.76 -21.27
N ASP C 181 -24.08 -14.54 -20.47
CA ASP C 181 -23.94 -14.46 -19.00
CA ASP C 181 -24.01 -14.47 -19.00
C ASP C 181 -23.52 -15.78 -18.34
N GLN C 182 -23.61 -16.92 -19.05
CA GLN C 182 -23.19 -18.24 -18.51
C GLN C 182 -21.66 -18.50 -18.57
N GLU C 183 -20.88 -17.55 -19.08
CA GLU C 183 -19.42 -17.59 -18.94
C GLU C 183 -18.96 -17.58 -17.48
N GLY C 184 -19.54 -16.69 -16.69
CA GLY C 184 -19.13 -16.51 -15.30
C GLY C 184 -17.67 -16.13 -15.10
N SER C 185 -17.12 -16.41 -13.91
CA SER C 185 -15.78 -15.88 -13.49
C SER C 185 -14.73 -16.92 -13.11
N HIS C 186 -15.14 -18.18 -12.94
CA HIS C 186 -14.23 -19.23 -12.60
C HIS C 186 -14.86 -20.54 -12.99
N ALA C 187 -14.03 -21.43 -13.53
CA ALA C 187 -14.47 -22.68 -14.15
C ALA C 187 -15.38 -22.38 -15.32
N THR C 188 -14.90 -21.47 -16.15
CA THR C 188 -15.69 -20.91 -17.23
C THR C 188 -15.78 -21.90 -18.39
N PRO C 189 -16.87 -21.84 -19.18
CA PRO C 189 -16.91 -22.69 -20.36
C PRO C 189 -15.80 -22.40 -21.37
N SER C 190 -15.36 -21.16 -21.48
CA SER C 190 -14.23 -20.86 -22.39
C SER C 190 -12.93 -21.59 -21.98
N GLU C 191 -12.53 -21.52 -20.73
CA GLU C 191 -11.31 -22.22 -20.32
C GLU C 191 -11.43 -23.75 -20.35
N VAL C 192 -12.58 -24.27 -19.95
CA VAL C 192 -12.86 -25.69 -19.99
C VAL C 192 -12.84 -26.16 -21.44
N ALA C 193 -13.47 -25.40 -22.35
CA ALA C 193 -13.44 -25.73 -23.82
C ALA C 193 -11.99 -25.87 -24.27
N LEU C 194 -11.16 -24.88 -23.91
CA LEU C 194 -9.76 -24.92 -24.32
C LEU C 194 -9.04 -26.18 -23.79
N THR C 195 -9.29 -26.56 -22.53
CA THR C 195 -8.69 -27.77 -21.97
C THR C 195 -9.21 -29.07 -22.64
N GLN C 196 -10.46 -29.10 -23.07
CA GLN C 196 -11.01 -30.26 -23.83
C GLN C 196 -10.30 -30.44 -25.18
N TYR C 197 -10.06 -29.33 -25.86
CA TYR C 197 -9.26 -29.30 -27.09
C TYR C 197 -7.83 -29.83 -26.87
N VAL C 198 -7.17 -29.34 -25.83
CA VAL C 198 -5.76 -29.70 -25.58
C VAL C 198 -5.64 -31.17 -25.09
N TYR C 199 -6.52 -31.60 -24.18
CA TYR C 199 -6.54 -32.99 -23.67
C TYR C 199 -7.92 -33.66 -23.92
N PRO C 200 -8.22 -34.05 -25.17
CA PRO C 200 -9.51 -34.74 -25.41
C PRO C 200 -9.73 -36.06 -24.60
N GLU C 201 -8.64 -36.75 -24.25
CA GLU C 201 -8.67 -37.90 -23.33
C GLU C 201 -9.12 -37.61 -21.87
N ALA C 202 -9.01 -36.36 -21.42
CA ALA C 202 -9.30 -36.01 -20.03
C ALA C 202 -10.59 -35.21 -19.87
N ILE C 203 -11.51 -35.29 -20.84
CA ILE C 203 -12.80 -34.57 -20.77
C ILE C 203 -13.62 -35.21 -19.64
N LYS C 204 -14.09 -34.39 -18.71
CA LYS C 204 -14.79 -34.88 -17.52
C LYS C 204 -16.30 -34.73 -17.72
N GLN C 205 -17.04 -35.67 -17.15
CA GLN C 205 -18.49 -35.58 -16.97
C GLN C 205 -18.81 -35.74 -15.45
N ALA C 206 -19.59 -34.80 -14.93
CA ALA C 206 -19.99 -34.81 -13.53
C ALA C 206 -21.26 -33.96 -13.39
N PRO C 207 -22.03 -34.16 -12.29
CA PRO C 207 -23.25 -33.35 -12.17
C PRO C 207 -22.89 -31.88 -11.94
N LEU C 208 -23.71 -31.00 -12.48
CA LEU C 208 -23.56 -29.56 -12.32
C LEU C 208 -24.89 -29.06 -11.78
N SER C 209 -24.93 -28.75 -10.47
CA SER C 209 -26.14 -28.20 -9.85
C SER C 209 -26.67 -27.00 -10.68
N PRO C 210 -27.98 -26.98 -10.98
CA PRO C 210 -28.56 -25.85 -11.73
C PRO C 210 -28.22 -24.48 -11.11
N GLU C 211 -28.34 -24.39 -9.79
CA GLU C 211 -28.03 -23.18 -9.06
C GLU C 211 -26.52 -22.98 -8.94
N VAL C 212 -26.05 -21.79 -9.31
CA VAL C 212 -24.66 -21.39 -9.21
C VAL C 212 -24.58 -19.93 -8.79
N ALA C 213 -23.74 -19.62 -7.81
CA ALA C 213 -23.65 -18.26 -7.28
C ALA C 213 -23.09 -17.28 -8.35
N SER C 214 -23.76 -16.16 -8.52
CA SER C 214 -23.26 -15.03 -9.31
C SER C 214 -22.43 -14.16 -8.35
N GLY C 215 -21.93 -13.04 -8.85
CA GLY C 215 -21.11 -12.17 -8.00
C GLY C 215 -19.69 -12.68 -7.92
N HIS C 216 -18.83 -11.76 -7.53
CA HIS C 216 -17.42 -11.81 -7.76
C HIS C 216 -16.60 -11.69 -6.48
N ARG C 217 -17.21 -11.85 -5.31
CA ARG C 217 -16.53 -11.54 -4.05
C ARG C 217 -15.64 -12.69 -3.64
N ILE C 218 -14.36 -12.40 -3.39
CA ILE C 218 -13.37 -13.43 -3.03
C ILE C 218 -12.62 -12.96 -1.77
N TYR C 219 -12.70 -13.75 -0.69
CA TYR C 219 -12.01 -13.41 0.56
C TYR C 219 -11.21 -14.64 1.03
N SER C 220 -11.42 -15.13 2.24
CA SER C 220 -10.73 -16.32 2.72
C SER C 220 -11.19 -17.57 1.96
N ALA C 221 -10.37 -18.60 2.03
CA ALA C 221 -10.64 -19.90 1.39
C ALA C 221 -11.90 -20.53 1.99
N ALA C 222 -12.04 -20.47 3.32
CA ALA C 222 -13.25 -20.99 3.98
C ALA C 222 -14.51 -20.27 3.50
N ASP C 223 -14.48 -18.94 3.40
CA ASP C 223 -15.61 -18.14 2.88
C ASP C 223 -15.93 -18.49 1.41
N PHE C 224 -14.88 -18.67 0.61
CA PHE C 224 -15.04 -18.98 -0.80
C PHE C 224 -15.88 -20.26 -1.02
N ARG C 225 -15.56 -21.32 -0.28
CA ARG C 225 -16.29 -22.58 -0.42
C ARG C 225 -17.74 -22.48 0.12
N VAL C 226 -17.97 -21.67 1.14
CA VAL C 226 -19.34 -21.33 1.55
C VAL C 226 -20.09 -20.59 0.40
N ARG C 227 -19.44 -19.61 -0.21
CA ARG C 227 -20.07 -18.85 -1.33
C ARG C 227 -20.25 -19.65 -2.59
N TYR C 228 -19.26 -20.47 -2.93
CA TYR C 228 -19.20 -21.18 -4.21
C TYR C 228 -19.07 -22.69 -3.94
N PRO C 229 -20.17 -23.32 -3.52
CA PRO C 229 -20.03 -24.66 -2.88
C PRO C 229 -19.41 -25.77 -3.72
N ASP C 230 -19.58 -25.74 -5.03
CA ASP C 230 -18.98 -26.71 -5.93
C ASP C 230 -17.69 -26.19 -6.61
N GLY C 231 -17.30 -24.95 -6.27
CA GLY C 231 -16.14 -24.28 -6.83
C GLY C 231 -16.34 -23.34 -8.02
N ARG C 232 -17.46 -23.46 -8.73
CA ARG C 232 -17.77 -22.54 -9.83
C ARG C 232 -18.15 -21.12 -9.37
N MSE C 233 -17.79 -20.12 -10.16
CA MSE C 233 -18.30 -18.74 -9.96
C MSE C 233 -19.07 -18.39 -11.19
O MSE C 233 -18.49 -18.13 -12.24
CB MSE C 233 -17.17 -17.74 -9.72
CG MSE C 233 -16.37 -18.06 -8.52
SE MSE C 233 -14.88 -16.79 -8.36
CE MSE C 233 -15.89 -15.25 -7.94
N GLY C 234 -20.40 -18.48 -11.08
CA GLY C 234 -21.32 -17.96 -12.08
C GLY C 234 -21.37 -18.68 -13.43
N SER C 235 -20.69 -19.82 -13.55
CA SER C 235 -20.38 -20.41 -14.84
C SER C 235 -21.22 -21.65 -15.14
N ASN C 236 -21.45 -21.85 -16.44
CA ASN C 236 -22.00 -23.09 -16.98
C ASN C 236 -20.96 -23.74 -17.88
N PRO C 237 -20.01 -24.49 -17.28
CA PRO C 237 -18.99 -25.18 -18.10
C PRO C 237 -19.52 -26.36 -18.93
N GLY C 238 -20.76 -26.78 -18.70
CA GLY C 238 -21.43 -27.73 -19.61
C GLY C 238 -21.62 -27.26 -21.05
N LEU C 239 -21.60 -25.94 -21.27
CA LEU C 239 -21.60 -25.40 -22.63
C LEU C 239 -20.30 -25.68 -23.43
N ALA C 240 -19.17 -25.97 -22.75
CA ALA C 240 -17.88 -26.15 -23.43
C ALA C 240 -17.90 -27.30 -24.44
N THR C 241 -17.30 -27.09 -25.61
CA THR C 241 -16.93 -28.17 -26.56
C THR C 241 -15.43 -27.99 -26.95
N PRO C 242 -14.74 -29.08 -27.35
CA PRO C 242 -13.36 -28.92 -27.87
C PRO C 242 -13.26 -28.12 -29.17
N GLU C 243 -14.33 -28.13 -29.97
CA GLU C 243 -14.42 -27.32 -31.18
C GLU C 243 -14.38 -25.83 -30.79
N HIS C 244 -15.14 -25.45 -29.75
CA HIS C 244 -14.99 -24.09 -29.19
C HIS C 244 -13.59 -23.86 -28.65
N GLY C 245 -13.04 -24.88 -27.99
CA GLY C 245 -11.67 -24.84 -27.46
C GLY C 245 -10.62 -24.49 -28.48
N LYS C 246 -10.74 -25.06 -29.69
CA LYS C 246 -9.79 -24.76 -30.77
C LYS C 246 -9.92 -23.29 -31.20
N GLN C 247 -11.15 -22.77 -31.27
CA GLN C 247 -11.36 -21.36 -31.58
C GLN C 247 -10.67 -20.46 -30.53
N PHE C 248 -10.91 -20.70 -29.24
CA PHE C 248 -10.21 -19.94 -28.17
C PHE C 248 -8.69 -20.04 -28.24
N TYR C 249 -8.17 -21.25 -28.44
CA TYR C 249 -6.76 -21.45 -28.64
C TYR C 249 -6.19 -20.60 -29.78
N ASP C 250 -6.77 -20.76 -30.96
CA ASP C 250 -6.29 -20.05 -32.15
C ASP C 250 -6.40 -18.52 -32.00
N LEU C 251 -7.47 -18.05 -31.34
CA LEU C 251 -7.64 -16.62 -31.08
C LEU C 251 -6.59 -16.08 -30.11
N ALA C 252 -6.43 -16.75 -28.98
CA ALA C 252 -5.43 -16.34 -27.98
C ALA C 252 -4.00 -16.33 -28.58
N VAL C 253 -3.70 -17.34 -29.42
CA VAL C 253 -2.37 -17.44 -30.03
C VAL C 253 -2.11 -16.28 -30.98
N LYS C 254 -3.12 -15.94 -31.76
CA LYS C 254 -3.01 -14.84 -32.69
C LYS C 254 -2.81 -13.52 -31.93
N GLU C 255 -3.68 -13.24 -30.96
CA GLU C 255 -3.63 -11.94 -30.27
C GLU C 255 -2.38 -11.75 -29.43
N LEU C 256 -1.99 -12.79 -28.70
CA LEU C 256 -0.76 -12.76 -27.90
C LEU C 256 0.53 -12.91 -28.72
N SER C 257 0.46 -13.50 -29.92
CA SER C 257 1.59 -13.41 -30.86
C SER C 257 1.83 -11.96 -31.23
N ASN C 258 0.76 -11.21 -31.57
CA ASN C 258 0.87 -9.78 -31.85
CA ASN C 258 0.86 -9.76 -31.84
C ASN C 258 1.30 -8.94 -30.63
N GLY C 259 0.79 -9.30 -29.45
CA GLY C 259 1.17 -8.64 -28.20
C GLY C 259 2.64 -8.82 -27.85
N TYR C 260 3.13 -10.05 -28.00
CA TYR C 260 4.54 -10.38 -27.76
C TYR C 260 5.50 -9.55 -28.68
N LEU C 261 5.13 -9.44 -29.96
CA LEU C 261 5.96 -8.77 -30.95
C LEU C 261 5.94 -7.25 -30.70
N GLU C 262 4.75 -6.69 -30.40
CA GLU C 262 4.67 -5.28 -30.03
CA GLU C 262 4.63 -5.28 -29.98
C GLU C 262 5.51 -5.01 -28.76
N PHE C 263 5.49 -5.92 -27.80
CA PHE C 263 6.31 -5.78 -26.59
C PHE C 263 7.84 -5.85 -26.88
N VAL C 264 8.30 -6.92 -27.53
CA VAL C 264 9.74 -7.13 -27.75
CA VAL C 264 9.73 -7.17 -27.76
C VAL C 264 10.33 -6.07 -28.68
N ASN C 265 9.53 -5.57 -29.61
CA ASN C 265 10.02 -4.48 -30.50
C ASN C 265 9.88 -3.07 -29.97
N ALA C 266 9.16 -2.87 -28.85
CA ALA C 266 9.07 -1.53 -28.23
C ALA C 266 10.38 -1.13 -27.58
N ASP C 267 10.56 0.17 -27.40
CA ASP C 267 11.73 0.71 -26.73
C ASP C 267 11.71 0.39 -25.20
NI NI D . 2.48 7.37 24.98
O1 UNL E . 6.53 1.73 26.61
O2 UNL E . 4.54 1.74 25.91
CL CL F . 17.62 0.28 23.59
C1 EDO G . 13.10 0.32 -2.09
O1 EDO G . 13.83 -0.48 -3.01
C2 EDO G . 13.89 0.63 -0.84
O2 EDO G . 15.28 0.44 -1.09
C1 EDO H . 26.03 14.37 17.24
O1 EDO H . 25.61 12.99 17.30
C2 EDO H . 24.99 15.24 17.92
O2 EDO H . 23.66 14.69 17.76
C1 EDO I . 26.91 -9.35 6.90
O1 EDO I . 26.32 -9.64 5.63
C2 EDO I . 25.86 -8.62 7.71
O2 EDO I . 25.77 -7.29 7.18
NI NI J . -1.22 10.64 -7.70
O1 UNL K . 0.17 7.26 -10.48
O2 UNL K . 2.07 6.21 -10.29
O3 UNL K . -0.37 5.03 -10.46
C1 EDO L . -13.25 10.86 10.15
O1 EDO L . -13.22 12.27 10.22
C2 EDO L . -14.19 10.30 11.19
O2 EDO L . -15.54 10.58 10.84
C1 EDO M . -14.07 2.47 -7.45
O1 EDO M . -14.69 2.26 -6.19
C2 EDO M . -13.12 1.30 -7.68
O2 EDO M . -12.11 1.36 -6.66
C1 EDO N . -1.82 -21.88 15.00
O1 EDO N . -3.23 -21.83 14.86
C2 EDO N . -1.54 -21.57 16.43
O2 EDO N . -1.62 -22.80 17.13
C1 EDO O . -11.28 -4.80 -5.88
C1 EDO O . -12.25 -5.01 -5.62
O1 EDO O . -11.06 -3.40 -5.65
O1 EDO O . -13.43 -4.39 -5.09
C2 EDO O . -10.93 -5.68 -4.66
C2 EDO O . -11.51 -5.78 -4.52
O2 EDO O . -10.88 -4.95 -3.42
O2 EDO O . -11.15 -4.89 -3.44
C1 EDO P . -15.68 -8.71 19.29
O1 EDO P . -16.11 -8.36 17.96
C2 EDO P . -15.42 -7.45 20.09
O2 EDO P . -16.66 -6.86 20.53
C1 EDO Q . -19.31 -6.19 -1.10
O1 EDO Q . -18.48 -6.60 -2.20
C2 EDO Q . -19.80 -4.80 -1.46
O2 EDO Q . -18.72 -3.89 -1.27
C1 EDO R . -22.07 12.09 1.35
O1 EDO R . -22.89 12.15 0.18
C2 EDO R . -22.42 13.27 2.25
O2 EDO R . -21.22 13.93 2.72
C1 EDO S . -7.36 -17.40 19.38
O1 EDO S . -7.26 -16.00 19.68
C2 EDO S . -6.20 -17.78 18.49
O2 EDO S . -4.94 -17.28 19.01
NI NI T . -9.15 -20.90 -14.47
O1 UNL U . -9.71 -17.63 -9.18
O2 UNL U . -9.13 -15.72 -9.14
O3 UNL U . -9.88 -17.23 -11.18
C1 EDO V . 0.68 -22.15 2.22
O1 EDO V . 0.70 -22.49 3.61
C2 EDO V . -0.27 -21.04 1.83
O2 EDO V . -0.86 -20.38 2.94
C1 EDO W . 0.17 -4.43 -18.83
C1 EDO W . -0.15 -4.99 -17.50
O1 EDO W . 0.31 -4.57 -20.24
O1 EDO W . -0.84 -6.21 -17.84
C2 EDO W . 1.50 -4.69 -18.12
C2 EDO W . 1.28 -5.23 -16.99
O2 EDO W . 1.54 -5.98 -17.50
O2 EDO W . 1.96 -6.22 -17.75
C1 EDO X . 25.56 -16.03 -19.11
O1 EDO X . 26.20 -14.81 -19.50
C2 EDO X . 25.40 -16.00 -17.61
O2 EDO X . 24.73 -14.84 -17.12
C1 EDO Y . 8.06 -23.48 -29.07
O1 EDO Y . 7.02 -22.56 -28.75
C2 EDO Y . 7.61 -24.90 -28.82
O2 EDO Y . 6.64 -25.26 -29.79
C1 EDO Z . -4.20 -8.13 -20.97
O1 EDO Z . -3.80 -9.43 -20.58
C2 EDO Z . -4.12 -8.07 -22.49
O2 EDO Z . -4.82 -9.20 -23.02
#